data_8W4A
#
_entry.id   8W4A
#
_cell.length_a   1.00
_cell.length_b   1.00
_cell.length_c   1.00
_cell.angle_alpha   90.00
_cell.angle_beta   90.00
_cell.angle_gamma   90.00
#
_symmetry.space_group_name_H-M   'P 1'
#
loop_
_entity.id
_entity.type
_entity.pdbx_description
1 polymer 'Heparan-alpha-glucosaminide N-acetyltransferase'
2 branched 2-acetamido-2-deoxy-beta-D-glucopyranose-(1-4)-2-acetamido-2-deoxy-beta-D-glucopyranose
3 non-polymer ~{N}-[(2~{S},3~{R},4~{R},5~{S},6~{R})-6-(hydroxymethyl)-2-[[(2~{R},4~{R})-4-methyl-2-oxidanyl-3,4-dihydro-2~{H}-chromen-7-yl]oxy]-4,5-bis(oxidanyl)oxan-3-yl]ethanamide
4 non-polymer 'ACETYL COENZYME *A'
5 non-polymer 2-acetamido-2-deoxy-beta-D-glucopyranose
6 non-polymer TETRADECANE
7 non-polymer N-OCTANE
8 non-polymer CHOLESTEROL
9 non-polymer DECANE
10 non-polymer DODECANE
11 non-polymer HEPTANE
12 non-polymer HEXADECANE
#
_entity_poly.entity_id   1
_entity_poly.type   'polypeptide(L)'
_entity_poly.pdbx_seq_one_letter_code
;MTGARASAAEQRRAGRSGQARAAERAAGMSGAGRALAALLLAASVLSAALLAPGGSSGRDAQAAPPRDLDKKRHAELKMD
QALLLIHNELLWTNLTVYWKSECCYHCLFQVLVNVPQSPKAGKPSAAAASVSTQHGSILQLNDTLEEKEVCRLEYRFGEF
GNYSLLVKNIHNGVSEIACDLAVNEDPVDSNLPVSIAFLIGLAVIIVISFLRLLLSLDDFNNWISKAISSRETDRLINSE
LGSPSRTDPLDGDVQPATWRLSALPPRLRSVDTFRGIALILMVFVNYGGGKYWYFKHASWNGLTVADLVFPWFVFIMGSS
IFLSMTSILQRGCSKFRLLGKIAWRSFLLICIGIIIVNPNYCLGPLSWDKVRIPGVLQRLGVTYFVVAVLELLFAKPVPE
HCASERSCLSLRDITSSWPQWLLILVLEGLWLGLTFLLPVPGCPTGYLGPGGIGDFGKYPNCTGGAAGYIDRLLLGDDHL
YQHPSSAVLYHTEVAYDPEGILGTINSIVMAFLGVQAGKILLYYKARTKDILIRFTAWCCILGLISVALTKVSENEGFIP
VNKNLWSLSYVTTLSSFAFFILLVLYPVVDVKGLWTGTPFFYPGMNSILVYVGHEVFENYFPFQWKLKDNQSHKEHLTQN
IVATALWVLIAYILYRKKIFWKIGSGGGGSGGGGSGGGWSHPQFEKGGGSGGGSGGSAWSHPQFEK
;
_entity_poly.pdbx_strand_id   B,A
#
# COMPACT_ATOMS: atom_id res chain seq x y z
CA ALA A 75 12.14 20.78 22.18
C ALA A 75 13.10 20.24 21.12
N GLU A 76 14.40 20.54 21.31
CA GLU A 76 15.42 20.09 20.39
C GLU A 76 15.83 18.64 20.61
N LEU A 77 15.42 18.04 21.71
CA LEU A 77 15.80 16.66 22.02
C LEU A 77 14.82 15.69 21.37
N LYS A 78 15.37 14.64 20.77
CA LYS A 78 14.59 13.55 20.19
C LYS A 78 14.59 12.37 21.14
N MET A 79 14.08 11.23 20.67
CA MET A 79 14.05 10.03 21.51
C MET A 79 15.46 9.59 21.85
N ASP A 80 15.65 9.14 23.09
CA ASP A 80 16.92 8.62 23.56
C ASP A 80 18.05 9.64 23.37
N GLN A 81 17.77 10.90 23.70
CA GLN A 81 18.76 11.95 23.62
C GLN A 81 18.71 12.80 24.88
N ALA A 82 19.87 13.30 25.29
CA ALA A 82 19.99 14.18 26.44
C ALA A 82 20.74 15.43 26.03
N LEU A 83 20.50 16.51 26.76
CA LEU A 83 21.18 17.78 26.51
C LEU A 83 22.46 17.85 27.34
N LEU A 84 23.56 18.21 26.69
CA LEU A 84 24.84 18.37 27.35
C LEU A 84 25.34 19.78 27.10
N LEU A 85 25.61 20.51 28.18
CA LEU A 85 26.14 21.87 28.11
C LEU A 85 27.58 21.84 28.61
N ILE A 86 28.51 22.26 27.77
CA ILE A 86 29.93 22.31 28.12
C ILE A 86 30.30 23.76 28.40
N HIS A 87 30.87 23.99 29.57
CA HIS A 87 31.36 25.32 29.96
C HIS A 87 32.87 25.26 30.02
N ASN A 88 33.53 26.15 29.28
CA ASN A 88 34.98 26.19 29.18
C ASN A 88 35.48 27.39 29.97
N GLU A 89 36.04 27.14 31.14
CA GLU A 89 36.64 28.19 31.94
C GLU A 89 38.12 28.41 31.65
N LEU A 90 38.72 27.57 30.82
CA LEU A 90 40.13 27.75 30.45
C LEU A 90 40.29 28.99 29.58
N LEU A 91 41.41 29.69 29.78
CA LEU A 91 41.63 30.97 29.11
C LEU A 91 42.36 30.81 27.77
N TRP A 92 43.34 29.92 27.70
CA TRP A 92 44.16 29.76 26.50
C TRP A 92 44.12 28.32 25.99
N THR A 93 42.92 27.74 25.95
CA THR A 93 42.77 26.36 25.50
C THR A 93 41.44 26.22 24.78
N ASN A 94 41.50 25.81 23.51
CA ASN A 94 40.31 25.44 22.76
C ASN A 94 40.05 23.95 22.94
N LEU A 95 38.79 23.59 23.14
CA LEU A 95 38.41 22.21 23.42
C LEU A 95 37.59 21.65 22.27
N THR A 96 37.91 20.41 21.88
CA THR A 96 37.10 19.63 20.95
C THR A 96 36.62 18.40 21.69
N VAL A 97 35.31 18.22 21.77
CA VAL A 97 34.71 17.13 22.52
C VAL A 97 34.38 16.00 21.56
N TYR A 98 34.95 14.83 21.82
CA TYR A 98 34.72 13.64 21.02
C TYR A 98 33.80 12.68 21.76
N TRP A 99 32.98 11.96 21.01
CA TRP A 99 31.98 11.07 21.59
C TRP A 99 32.12 9.67 20.99
N LYS A 100 32.13 8.67 21.86
CA LYS A 100 32.10 7.27 21.46
C LYS A 100 31.10 6.52 22.32
N SER A 101 30.37 5.60 21.71
CA SER A 101 29.44 4.75 22.42
C SER A 101 30.16 3.50 22.93
N GLU A 102 29.84 3.10 24.15
CA GLU A 102 30.46 1.90 24.71
C GLU A 102 30.05 0.64 23.98
N CYS A 103 28.88 0.64 23.31
CA CYS A 103 28.45 -0.52 22.55
C CYS A 103 29.21 -0.65 21.23
N CYS A 104 29.70 0.45 20.68
CA CYS A 104 30.40 0.42 19.40
C CYS A 104 31.80 -0.14 19.63
N TYR A 105 32.08 -1.28 19.01
CA TYR A 105 33.27 -2.07 19.32
C TYR A 105 34.45 -1.60 18.46
N HIS A 106 35.54 -1.23 19.12
CA HIS A 106 36.79 -0.83 18.47
C HIS A 106 36.54 0.28 17.44
N CYS A 107 35.78 1.28 17.85
CA CYS A 107 35.34 2.34 16.96
C CYS A 107 36.20 3.58 17.13
N LEU A 108 35.97 4.55 16.25
CA LEU A 108 36.65 5.83 16.27
C LEU A 108 35.80 6.87 17.00
N PHE A 109 36.46 7.80 17.66
CA PHE A 109 35.77 8.91 18.27
C PHE A 109 35.28 9.89 17.20
N GLN A 110 34.04 10.35 17.37
CA GLN A 110 33.44 11.31 16.46
C GLN A 110 33.31 12.66 17.14
N VAL A 111 33.48 13.73 16.38
CA VAL A 111 33.42 15.07 16.94
C VAL A 111 32.00 15.36 17.39
N LEU A 112 31.84 15.84 18.62
CA LEU A 112 30.54 16.18 19.18
C LEU A 112 30.25 17.68 19.09
N VAL A 113 31.15 18.51 19.59
CA VAL A 113 30.97 19.95 19.56
C VAL A 113 32.32 20.60 19.82
N ASN A 114 32.55 21.75 19.20
CA ASN A 114 33.76 22.54 19.40
C ASN A 114 33.44 23.68 20.35
N VAL A 115 34.14 23.74 21.48
CA VAL A 115 33.92 24.73 22.52
C VAL A 115 35.07 25.73 22.47
N PRO A 116 34.83 27.00 22.16
CA PRO A 116 35.91 27.98 22.10
C PRO A 116 36.43 28.33 23.49
N GLN A 117 37.57 29.00 23.50
CA GLN A 117 38.19 29.42 24.74
C GLN A 117 37.37 30.52 25.41
N SER A 118 37.54 30.65 26.72
CA SER A 118 36.84 31.67 27.48
C SER A 118 37.47 33.03 27.22
N PRO A 119 36.72 34.01 26.71
CA PRO A 119 37.32 35.33 26.42
C PRO A 119 37.88 36.03 27.66
N LYS A 120 37.23 35.87 28.81
CA LYS A 120 37.66 36.54 30.03
C LYS A 120 37.43 35.61 31.22
N ALA A 121 38.15 35.87 32.30
CA ALA A 121 37.97 35.10 33.52
C ALA A 121 36.57 35.35 34.10
N GLY A 122 35.93 34.27 34.53
CA GLY A 122 34.58 34.36 35.05
C GLY A 122 33.48 34.39 34.02
N LYS A 123 33.81 34.29 32.74
CA LYS A 123 32.84 34.27 31.64
C LYS A 123 33.11 33.03 30.80
N PRO A 124 32.66 31.87 31.26
CA PRO A 124 32.95 30.63 30.51
C PRO A 124 32.23 30.60 29.18
N SER A 125 32.86 29.93 28.22
CA SER A 125 32.24 29.72 26.91
C SER A 125 31.33 28.51 26.98
N ALA A 126 30.12 28.64 26.42
CA ALA A 126 29.10 27.61 26.52
C ALA A 126 28.80 27.05 25.14
N ALA A 127 28.79 25.72 25.04
CA ALA A 127 28.39 25.02 23.83
C ALA A 127 27.45 23.89 24.21
N ALA A 128 26.47 23.62 23.34
CA ALA A 128 25.45 22.62 23.61
C ALA A 128 25.51 21.52 22.57
N ALA A 129 25.14 20.32 23.00
CA ALA A 129 25.14 19.16 22.11
C ALA A 129 24.09 18.16 22.61
N SER A 130 23.71 17.26 21.71
CA SER A 130 22.78 16.18 22.02
C SER A 130 23.54 14.86 21.99
N VAL A 131 23.49 14.12 23.09
CA VAL A 131 24.18 12.85 23.24
C VAL A 131 23.16 11.72 23.29
N SER A 132 23.44 10.64 22.59
CA SER A 132 22.56 9.47 22.62
C SER A 132 22.60 8.82 23.99
N THR A 133 21.45 8.34 24.45
CA THR A 133 21.32 7.77 25.78
C THR A 133 20.92 6.30 25.76
N GLN A 134 20.93 5.65 24.60
CA GLN A 134 20.61 4.23 24.54
C GLN A 134 21.63 3.40 25.31
N HIS A 135 22.92 3.73 25.17
CA HIS A 135 23.98 3.02 25.86
C HIS A 135 24.86 3.99 26.62
N GLY A 136 25.97 3.50 27.16
CA GLY A 136 26.91 4.39 27.82
C GLY A 136 27.66 5.23 26.82
N SER A 137 28.09 6.41 27.28
CA SER A 137 28.79 7.36 26.43
C SER A 137 30.21 7.56 26.96
N ILE A 138 31.16 7.64 26.03
CA ILE A 138 32.54 7.95 26.35
C ILE A 138 32.87 9.29 25.70
N LEU A 139 33.26 10.26 26.51
CA LEU A 139 33.61 11.60 26.03
C LEU A 139 35.11 11.81 26.20
N GLN A 140 35.75 12.28 25.14
CA GLN A 140 37.16 12.63 25.17
C GLN A 140 37.30 14.10 24.79
N LEU A 141 37.87 14.89 25.69
CA LEU A 141 38.07 16.32 25.47
C LEU A 141 39.54 16.56 25.15
N ASN A 142 39.81 17.10 23.96
CA ASN A 142 41.15 17.27 23.47
C ASN A 142 41.43 18.74 23.18
N ASP A 143 42.62 19.19 23.53
CA ASP A 143 43.07 20.53 23.16
C ASP A 143 43.22 20.59 21.64
N THR A 144 42.46 21.49 21.01
CA THR A 144 42.45 21.55 19.55
C THR A 144 43.82 21.91 19.00
N LEU A 145 44.47 22.91 19.61
CA LEU A 145 45.74 23.40 19.08
C LEU A 145 46.85 22.36 19.24
N GLU A 146 46.97 21.78 20.43
CA GLU A 146 48.07 20.86 20.72
C GLU A 146 47.72 19.40 20.44
N GLU A 147 46.46 19.10 20.11
CA GLU A 147 46.01 17.71 19.89
C GLU A 147 46.36 16.82 21.07
N LYS A 148 46.14 17.34 22.27
CA LYS A 148 46.48 16.66 23.52
C LYS A 148 45.23 16.49 24.36
N GLU A 149 45.13 15.34 25.03
CA GLU A 149 43.94 15.03 25.81
C GLU A 149 43.92 15.84 27.09
N VAL A 150 42.79 16.48 27.36
CA VAL A 150 42.60 17.28 28.56
C VAL A 150 42.04 16.39 29.66
N CYS A 151 40.88 15.81 29.43
CA CYS A 151 40.28 14.89 30.39
C CYS A 151 39.39 13.91 29.64
N ARG A 152 39.14 12.77 30.28
CA ARG A 152 38.33 11.70 29.71
C ARG A 152 37.17 11.40 30.65
N LEU A 153 35.97 11.27 30.08
CA LEU A 153 34.75 11.11 30.87
C LEU A 153 33.96 9.92 30.36
N GLU A 154 33.55 9.05 31.28
CA GLU A 154 32.66 7.94 30.99
C GLU A 154 31.39 8.11 31.81
N TYR A 155 30.25 8.15 31.13
CA TYR A 155 28.98 8.39 31.81
C TYR A 155 27.85 7.83 30.96
N ARG A 156 26.80 7.39 31.63
CA ARG A 156 25.58 6.92 30.98
C ARG A 156 24.51 7.97 31.17
N PHE A 157 24.17 8.68 30.10
CA PHE A 157 23.18 9.74 30.17
C PHE A 157 21.76 9.16 30.09
N GLY A 158 20.79 9.94 30.54
CA GLY A 158 19.42 9.51 30.54
C GLY A 158 18.56 10.29 29.56
N GLU A 159 17.46 9.68 29.11
CA GLU A 159 16.61 10.30 28.11
C GLU A 159 16.03 11.61 28.63
N PHE A 160 16.07 12.64 27.78
CA PHE A 160 15.53 13.96 28.08
C PHE A 160 16.14 14.56 29.34
N GLY A 161 17.41 14.25 29.60
CA GLY A 161 18.11 14.85 30.71
C GLY A 161 18.80 16.14 30.31
N ASN A 162 19.20 16.89 31.33
CA ASN A 162 19.89 18.17 31.14
C ASN A 162 21.14 18.15 32.00
N TYR A 163 22.29 17.98 31.37
CA TYR A 163 23.56 17.83 32.07
C TYR A 163 24.48 18.99 31.71
N SER A 164 25.35 19.34 32.65
CA SER A 164 26.34 20.39 32.47
C SER A 164 27.72 19.83 32.75
N LEU A 165 28.66 20.07 31.83
CA LEU A 165 30.03 19.62 31.97
C LEU A 165 30.92 20.85 32.08
N LEU A 166 31.45 21.10 33.27
CA LEU A 166 32.28 22.27 33.53
C LEU A 166 33.74 21.88 33.46
N VAL A 167 34.49 22.53 32.57
CA VAL A 167 35.91 22.28 32.40
C VAL A 167 36.65 23.49 32.94
N LYS A 168 37.26 23.34 34.12
CA LYS A 168 38.00 24.42 34.75
C LYS A 168 39.31 23.86 35.29
N ASN A 169 40.30 24.74 35.41
CA ASN A 169 41.62 24.35 35.90
C ASN A 169 41.70 24.56 37.40
N ILE A 170 41.96 23.47 38.13
CA ILE A 170 42.06 23.55 39.58
C ILE A 170 43.36 24.23 39.98
N HIS A 171 43.26 25.16 40.94
CA HIS A 171 44.41 25.93 41.39
C HIS A 171 44.85 25.54 42.80
N ASN A 172 44.62 24.28 43.17
CA ASN A 172 45.01 23.77 44.49
C ASN A 172 46.47 23.30 44.47
N GLY A 173 47.36 24.24 44.17
CA GLY A 173 48.78 23.97 44.11
C GLY A 173 49.29 23.40 42.80
N VAL A 174 48.41 23.18 41.82
CA VAL A 174 48.79 22.64 40.53
C VAL A 174 48.11 23.44 39.44
N SER A 175 48.52 23.19 38.19
CA SER A 175 47.94 23.84 37.03
C SER A 175 47.14 22.86 36.17
N GLU A 176 46.72 21.74 36.75
CA GLU A 176 45.97 20.74 36.00
C GLU A 176 44.55 21.23 35.72
N ILE A 177 43.86 20.51 34.84
CA ILE A 177 42.49 20.82 34.47
C ILE A 177 41.61 19.65 34.88
N ALA A 178 40.55 19.95 35.62
CA ALA A 178 39.60 18.95 36.10
C ALA A 178 38.23 19.25 35.53
N CYS A 179 37.59 18.24 34.94
CA CYS A 179 36.26 18.37 34.36
C CYS A 179 35.28 17.52 35.14
N ASP A 180 34.15 18.12 35.54
CA ASP A 180 33.12 17.44 36.31
C ASP A 180 31.76 17.67 35.66
N LEU A 181 30.86 16.71 35.87
CA LEU A 181 29.54 16.70 35.24
C LEU A 181 28.47 16.84 36.30
N ALA A 182 27.53 17.76 36.08
CA ALA A 182 26.42 18.00 36.98
C ALA A 182 25.10 17.74 36.25
N VAL A 183 24.11 17.26 37.00
CA VAL A 183 22.79 16.96 36.46
C VAL A 183 21.88 18.13 36.79
N ASN A 184 21.62 18.98 35.79
CA ASN A 184 20.74 20.12 36.01
C ASN A 184 19.29 19.68 36.17
N GLU A 185 18.82 18.80 35.28
CA GLU A 185 17.47 18.27 35.32
C GLU A 185 17.52 16.76 35.18
N ASP A 186 16.80 16.07 36.05
CA ASP A 186 16.85 14.62 36.06
C ASP A 186 16.20 14.04 34.80
N PRO A 187 16.71 12.95 34.27
CA PRO A 187 16.10 12.29 33.12
C PRO A 187 14.85 11.53 33.51
N VAL A 188 14.16 11.00 32.51
CA VAL A 188 12.95 10.23 32.73
C VAL A 188 13.28 8.74 32.63
N ASP A 189 12.39 7.92 33.18
CA ASP A 189 12.53 6.47 33.10
C ASP A 189 12.10 6.02 31.70
N SER A 190 13.07 5.61 30.89
CA SER A 190 12.77 5.26 29.50
C SER A 190 12.02 3.94 29.41
N ASN A 191 12.35 2.98 30.27
CA ASN A 191 11.77 1.65 30.24
C ASN A 191 10.54 1.52 31.11
N LEU A 192 10.01 2.63 31.62
CA LEU A 192 8.79 2.56 32.42
C LEU A 192 7.60 2.00 31.65
N PRO A 193 7.31 2.42 30.41
CA PRO A 193 6.19 1.79 29.67
C PRO A 193 6.35 0.29 29.50
N VAL A 194 7.57 -0.20 29.29
CA VAL A 194 7.77 -1.64 29.10
C VAL A 194 7.49 -2.38 30.40
N SER A 195 7.93 -1.84 31.53
CA SER A 195 7.63 -2.47 32.81
C SER A 195 6.14 -2.49 33.08
N ILE A 196 5.45 -1.40 32.77
CA ILE A 196 4.00 -1.34 32.99
C ILE A 196 3.27 -2.28 32.05
N ALA A 197 3.72 -2.35 30.79
CA ALA A 197 3.09 -3.25 29.83
C ALA A 197 3.25 -4.71 30.25
N PHE A 198 4.43 -5.08 30.75
CA PHE A 198 4.63 -6.44 31.25
C PHE A 198 3.76 -6.69 32.49
N LEU A 199 3.66 -5.71 33.38
CA LEU A 199 2.82 -5.87 34.56
C LEU A 199 1.34 -5.98 34.18
N ILE A 200 0.89 -5.17 33.23
CA ILE A 200 -0.49 -5.24 32.77
C ILE A 200 -0.76 -6.59 32.12
N GLY A 201 0.16 -7.06 31.28
CA GLY A 201 -0.03 -8.35 30.64
C GLY A 201 -0.05 -9.50 31.62
N LEU A 202 0.82 -9.46 32.62
CA LEU A 202 0.84 -10.51 33.63
C LEU A 202 -0.44 -10.49 34.47
N ALA A 203 -0.95 -9.30 34.76
CA ALA A 203 -2.19 -9.20 35.52
C ALA A 203 -3.38 -9.78 34.75
N VAL A 204 -3.41 -9.55 33.43
CA VAL A 204 -4.51 -10.07 32.62
C VAL A 204 -4.48 -11.60 32.60
N ILE A 205 -3.28 -12.18 32.50
CA ILE A 205 -3.17 -13.64 32.47
C ILE A 205 -3.66 -14.25 33.77
N ILE A 206 -3.30 -13.65 34.90
CA ILE A 206 -3.72 -14.17 36.20
C ILE A 206 -5.24 -14.08 36.35
N VAL A 207 -5.82 -12.94 35.95
CA VAL A 207 -7.26 -12.77 36.06
C VAL A 207 -8.00 -13.79 35.20
N ILE A 208 -7.54 -13.99 33.96
CA ILE A 208 -8.18 -14.97 33.08
C ILE A 208 -8.05 -16.38 33.66
N SER A 209 -6.86 -16.72 34.17
CA SER A 209 -6.66 -18.04 34.76
C SER A 209 -7.56 -18.24 35.97
N PHE A 210 -7.67 -17.22 36.83
CA PHE A 210 -8.50 -17.34 38.03
C PHE A 210 -9.99 -17.27 37.71
N LEU A 211 -10.37 -16.55 36.65
CA LEU A 211 -11.78 -16.46 36.29
C LEU A 211 -12.33 -17.81 35.87
N ARG A 212 -11.57 -18.56 35.06
CA ARG A 212 -12.04 -19.87 34.62
C ARG A 212 -11.96 -20.92 35.72
N LEU A 213 -11.10 -20.72 36.72
CA LEU A 213 -11.05 -21.66 37.83
C LEU A 213 -12.37 -21.67 38.61
N LEU A 214 -12.94 -20.49 38.84
CA LEU A 214 -14.25 -20.42 39.48
C LEU A 214 -15.34 -20.98 38.57
N LEU A 215 -15.25 -20.71 37.28
CA LEU A 215 -16.23 -21.20 36.32
C LEU A 215 -15.81 -22.56 35.76
N PRO A 265 -2.84 -37.65 9.63
CA PRO A 265 -2.13 -37.44 10.89
C PRO A 265 -2.50 -36.11 11.54
N PRO A 266 -2.85 -36.16 12.84
CA PRO A 266 -3.22 -34.93 13.54
C PRO A 266 -2.11 -33.89 13.49
N ARG A 267 -2.53 -32.62 13.43
CA ARG A 267 -1.60 -31.50 13.44
C ARG A 267 -1.05 -31.29 14.85
N LEU A 268 0.26 -31.17 14.96
CA LEU A 268 0.89 -30.96 16.26
C LEU A 268 0.60 -29.53 16.74
N ARG A 269 0.04 -29.43 17.95
CA ARG A 269 -0.34 -28.12 18.47
C ARG A 269 0.87 -27.33 18.98
N SER A 270 1.92 -28.03 19.43
CA SER A 270 3.09 -27.32 19.94
C SER A 270 3.87 -26.63 18.84
N VAL A 271 3.85 -27.20 17.63
CA VAL A 271 4.51 -26.55 16.50
C VAL A 271 3.73 -25.32 16.06
N ASP A 272 2.40 -25.39 16.10
CA ASP A 272 1.58 -24.21 15.81
C ASP A 272 1.73 -23.15 16.89
N THR A 273 1.81 -23.57 18.15
CA THR A 273 2.02 -22.62 19.24
C THR A 273 3.37 -21.93 19.11
N PHE A 274 4.42 -22.70 18.78
CA PHE A 274 5.76 -22.15 18.66
C PHE A 274 5.86 -21.23 17.45
N ARG A 275 5.18 -21.59 16.35
CA ARG A 275 5.12 -20.69 15.21
C ARG A 275 4.33 -19.43 15.52
N GLY A 276 3.25 -19.56 16.30
CA GLY A 276 2.45 -18.40 16.65
C GLY A 276 3.18 -17.42 17.54
N ILE A 277 4.04 -17.93 18.43
CA ILE A 277 4.85 -17.06 19.28
C ILE A 277 5.79 -16.23 18.43
N ALA A 278 6.42 -16.84 17.43
CA ALA A 278 7.32 -16.12 16.55
C ALA A 278 6.58 -15.09 15.70
N LEU A 279 5.34 -15.39 15.30
CA LEU A 279 4.56 -14.43 14.51
C LEU A 279 4.15 -13.22 15.34
N ILE A 280 3.81 -13.45 16.62
CA ILE A 280 3.42 -12.34 17.48
C ILE A 280 4.62 -11.45 17.78
N LEU A 281 5.80 -12.05 18.00
CA LEU A 281 7.01 -11.27 18.19
C LEU A 281 7.42 -10.57 16.90
N MET A 282 7.19 -11.21 15.74
CA MET A 282 7.53 -10.60 14.46
C MET A 282 6.77 -9.30 14.23
N VAL A 283 5.45 -9.32 14.40
CA VAL A 283 4.64 -8.13 14.11
C VAL A 283 5.00 -7.01 15.07
N PHE A 284 5.29 -7.32 16.32
CA PHE A 284 5.60 -6.29 17.31
C PHE A 284 6.88 -5.56 16.96
N VAL A 285 7.92 -6.29 16.54
CA VAL A 285 9.21 -5.65 16.28
C VAL A 285 9.26 -5.06 14.87
N ASN A 286 8.53 -5.64 13.92
CA ASN A 286 8.53 -5.08 12.57
C ASN A 286 7.74 -3.78 12.50
N TYR A 287 6.75 -3.63 13.36
CA TYR A 287 5.95 -2.41 13.40
C TYR A 287 6.62 -1.29 14.20
N GLY A 288 7.79 -1.57 14.80
CA GLY A 288 8.52 -0.55 15.52
C GLY A 288 9.10 -1.04 16.83
N GLY A 289 8.40 -1.94 17.50
CA GLY A 289 8.87 -2.44 18.78
C GLY A 289 8.92 -1.40 19.87
N GLY A 290 8.10 -0.35 19.76
CA GLY A 290 8.16 0.74 20.70
C GLY A 290 9.34 1.67 20.51
N LYS A 291 10.11 1.49 19.44
CA LYS A 291 11.33 2.23 19.16
C LYS A 291 12.37 2.03 20.25
N TYR A 292 12.35 0.87 20.89
CA TYR A 292 13.35 0.51 21.90
C TYR A 292 14.50 -0.22 21.22
N TRP A 293 15.72 0.03 21.71
CA TRP A 293 16.90 -0.53 21.05
C TRP A 293 16.98 -2.04 21.20
N TYR A 294 16.42 -2.59 22.28
CA TYR A 294 16.45 -4.04 22.48
C TYR A 294 15.32 -4.76 21.77
N PHE A 295 14.40 -4.03 21.14
CA PHE A 295 13.40 -4.62 20.25
C PHE A 295 13.74 -4.36 18.79
N LYS A 296 14.94 -3.86 18.51
CA LYS A 296 15.46 -3.70 17.16
C LYS A 296 16.55 -4.73 16.92
N HIS A 297 17.01 -4.78 15.67
CA HIS A 297 18.13 -5.67 15.35
C HIS A 297 19.43 -5.10 15.91
N ALA A 298 20.30 -5.98 16.36
CA ALA A 298 21.63 -5.56 16.77
C ALA A 298 22.37 -4.99 15.58
N SER A 299 23.23 -3.99 15.84
CA SER A 299 23.92 -3.32 14.76
C SER A 299 24.78 -4.29 13.97
N TRP A 300 25.83 -4.83 14.58
CA TRP A 300 26.57 -5.91 13.96
C TRP A 300 26.51 -7.20 14.76
N ASN A 301 26.99 -7.19 16.00
CA ASN A 301 27.18 -8.42 16.77
C ASN A 301 26.25 -8.43 17.98
N GLY A 302 25.92 -9.63 18.43
CA GLY A 302 25.07 -9.81 19.58
C GLY A 302 23.67 -10.24 19.20
N LEU A 303 22.81 -10.27 20.21
CA LEU A 303 21.43 -10.72 20.06
C LEU A 303 20.49 -9.71 20.70
N THR A 304 19.34 -9.51 20.05
CA THR A 304 18.23 -8.81 20.67
C THR A 304 16.97 -9.63 20.50
N VAL A 305 15.81 -9.08 20.89
CA VAL A 305 14.56 -9.81 20.72
C VAL A 305 14.18 -9.91 19.25
N ALA A 306 14.56 -8.91 18.45
CA ALA A 306 14.21 -8.92 17.04
C ALA A 306 15.02 -9.93 16.24
N ASP A 307 16.14 -10.41 16.77
CA ASP A 307 17.02 -11.31 16.05
C ASP A 307 16.70 -12.78 16.30
N LEU A 308 15.61 -13.07 16.99
CA LEU A 308 15.25 -14.44 17.36
C LEU A 308 14.29 -15.11 16.38
N VAL A 309 13.35 -14.34 15.82
CA VAL A 309 12.20 -14.96 15.16
C VAL A 309 12.56 -15.58 13.82
N PHE A 310 13.43 -14.94 13.04
CA PHE A 310 13.74 -15.46 11.71
C PHE A 310 14.37 -16.85 11.74
N PRO A 311 15.41 -17.13 12.55
CA PRO A 311 15.89 -18.50 12.63
C PRO A 311 14.85 -19.49 13.13
N TRP A 312 13.93 -19.05 13.99
CA TRP A 312 12.89 -19.94 14.47
C TRP A 312 11.92 -20.32 13.36
N PHE A 313 11.62 -19.38 12.46
CA PHE A 313 10.77 -19.71 11.32
C PHE A 313 11.44 -20.73 10.40
N VAL A 314 12.76 -20.61 10.23
CA VAL A 314 13.50 -21.60 9.43
C VAL A 314 13.53 -22.94 10.14
N PHE A 315 13.69 -22.93 11.46
CA PHE A 315 13.66 -24.17 12.24
C PHE A 315 12.30 -24.85 12.14
N ILE A 316 11.22 -24.08 12.28
CA ILE A 316 9.88 -24.67 12.23
C ILE A 316 9.55 -25.16 10.82
N MET A 317 10.02 -24.44 9.80
CA MET A 317 9.75 -24.85 8.42
C MET A 317 10.39 -26.20 8.11
N GLY A 318 11.59 -26.44 8.62
CA GLY A 318 12.22 -27.73 8.43
C GLY A 318 11.48 -28.85 9.13
N SER A 319 10.95 -28.59 10.33
CA SER A 319 10.15 -29.59 11.02
C SER A 319 8.90 -29.93 10.23
N SER A 320 8.21 -28.92 9.71
CA SER A 320 7.04 -29.13 8.89
C SER A 320 7.37 -29.82 7.57
N ILE A 321 8.61 -29.69 7.09
CA ILE A 321 9.02 -30.40 5.88
C ILE A 321 8.96 -31.91 6.10
N PHE A 322 9.50 -32.38 7.23
CA PHE A 322 9.50 -33.80 7.51
C PHE A 322 8.11 -34.30 7.90
N LEU A 323 7.36 -33.51 8.66
CA LEU A 323 6.04 -33.93 9.11
C LEU A 323 5.09 -34.12 7.94
N SER A 324 5.10 -33.19 6.99
CA SER A 324 4.20 -33.29 5.84
C SER A 324 4.68 -34.32 4.83
N MET A 325 6.00 -34.41 4.61
CA MET A 325 6.53 -35.37 3.65
C MET A 325 6.29 -36.80 4.08
N THR A 326 6.45 -37.08 5.38
CA THR A 326 6.26 -38.45 5.87
C THR A 326 4.83 -38.91 5.69
N SER A 327 3.86 -38.05 5.98
CA SER A 327 2.46 -38.41 5.81
C SER A 327 2.10 -38.54 4.34
N ILE A 328 2.63 -37.65 3.49
CA ILE A 328 2.31 -37.68 2.07
C ILE A 328 2.85 -38.95 1.42
N LEU A 329 4.10 -39.29 1.70
CA LEU A 329 4.69 -40.48 1.09
C LEU A 329 4.11 -41.76 1.65
N GLN A 330 3.62 -41.73 2.89
CA GLN A 330 3.01 -42.91 3.48
C GLN A 330 1.71 -43.27 2.78
N ARG A 331 0.88 -42.27 2.45
CA ARG A 331 -0.41 -42.54 1.85
C ARG A 331 -0.29 -43.11 0.44
N GLY A 332 0.82 -42.86 -0.25
CA GLY A 332 1.05 -43.49 -1.53
C GLY A 332 1.40 -42.54 -2.66
N CYS A 333 1.61 -41.27 -2.34
CA CYS A 333 1.96 -40.29 -3.35
C CYS A 333 3.36 -40.58 -3.89
N SER A 334 3.54 -40.34 -5.19
CA SER A 334 4.82 -40.58 -5.83
C SER A 334 5.78 -39.41 -5.56
N LYS A 335 7.07 -39.71 -5.65
CA LYS A 335 8.09 -38.69 -5.40
C LYS A 335 8.11 -37.64 -6.50
N PHE A 336 7.86 -38.04 -7.75
CA PHE A 336 7.85 -37.08 -8.85
C PHE A 336 6.72 -36.06 -8.69
N ARG A 337 5.54 -36.51 -8.27
CA ARG A 337 4.44 -35.60 -8.03
C ARG A 337 4.73 -34.69 -6.84
N LEU A 338 5.41 -35.22 -5.82
CA LEU A 338 5.78 -34.40 -4.67
C LEU A 338 6.93 -33.45 -5.00
N LEU A 339 7.79 -33.82 -5.95
CA LEU A 339 8.82 -32.89 -6.41
C LEU A 339 8.21 -31.68 -7.09
N GLY A 340 7.12 -31.89 -7.85
CA GLY A 340 6.44 -30.77 -8.48
C GLY A 340 5.78 -29.84 -7.48
N LYS A 341 5.32 -30.38 -6.35
CA LYS A 341 4.74 -29.54 -5.31
C LYS A 341 5.81 -28.71 -4.60
N ILE A 342 7.00 -29.29 -4.41
CA ILE A 342 8.10 -28.57 -3.78
C ILE A 342 8.54 -27.40 -4.65
N ALA A 343 8.67 -27.62 -5.96
CA ALA A 343 9.13 -26.57 -6.86
C ALA A 343 8.11 -25.46 -7.00
N TRP A 344 6.81 -25.80 -6.99
CA TRP A 344 5.78 -24.78 -7.08
C TRP A 344 5.77 -23.89 -5.84
N ARG A 345 5.91 -24.49 -4.65
CA ARG A 345 5.91 -23.70 -3.42
C ARG A 345 7.13 -22.81 -3.33
N SER A 346 8.30 -23.32 -3.73
CA SER A 346 9.51 -22.52 -3.72
C SER A 346 9.42 -21.36 -4.71
N PHE A 347 8.86 -21.61 -5.89
CA PHE A 347 8.69 -20.55 -6.89
C PHE A 347 7.78 -19.45 -6.38
N LEU A 348 6.69 -19.82 -5.70
CA LEU A 348 5.76 -18.83 -5.19
C LEU A 348 6.39 -17.98 -4.08
N LEU A 349 7.15 -18.61 -3.18
CA LEU A 349 7.77 -17.87 -2.09
C LEU A 349 8.77 -16.83 -2.60
N ILE A 350 9.60 -17.22 -3.57
CA ILE A 350 10.59 -16.30 -4.12
C ILE A 350 9.90 -15.15 -4.86
N CYS A 351 8.88 -15.47 -5.66
CA CYS A 351 8.21 -14.44 -6.45
C CYS A 351 7.46 -13.44 -5.56
N ILE A 352 6.83 -13.93 -4.48
CA ILE A 352 6.07 -13.04 -3.61
C ILE A 352 7.00 -12.08 -2.88
N GLY A 353 8.18 -12.55 -2.48
CA GLY A 353 9.12 -11.68 -1.80
C GLY A 353 9.64 -10.56 -2.68
N ILE A 354 10.01 -10.89 -3.92
CA ILE A 354 10.64 -9.90 -4.80
C ILE A 354 9.62 -8.84 -5.23
N ILE A 355 8.39 -9.26 -5.51
CA ILE A 355 7.42 -8.39 -6.17
C ILE A 355 6.54 -7.68 -5.16
N ILE A 356 6.19 -8.34 -4.07
CA ILE A 356 5.21 -7.86 -3.11
C ILE A 356 5.86 -7.32 -1.84
N VAL A 357 6.72 -8.11 -1.21
CA VAL A 357 7.21 -7.76 0.12
C VAL A 357 8.39 -6.78 0.02
N ASN A 358 9.34 -7.06 -0.87
CA ASN A 358 10.55 -6.25 -0.90
C ASN A 358 10.33 -4.79 -1.29
N PRO A 359 9.63 -4.46 -2.37
CA PRO A 359 9.60 -3.06 -2.81
C PRO A 359 8.83 -2.16 -1.87
N ASN A 360 9.26 -0.89 -1.81
CA ASN A 360 8.54 0.17 -1.11
C ASN A 360 7.81 0.97 -2.18
N TYR A 361 6.57 0.57 -2.46
CA TYR A 361 5.80 1.18 -3.54
C TYR A 361 5.30 2.57 -3.19
N CYS A 362 5.44 3.01 -1.95
CA CYS A 362 5.14 4.39 -1.60
C CYS A 362 6.11 5.36 -2.26
N LEU A 363 7.34 4.90 -2.54
CA LEU A 363 8.33 5.78 -3.15
C LEU A 363 8.03 6.01 -4.63
N GLY A 364 7.63 4.96 -5.35
CA GLY A 364 7.32 5.09 -6.75
C GLY A 364 7.15 3.76 -7.44
N PRO A 365 6.87 3.79 -8.74
CA PRO A 365 6.71 2.54 -9.50
C PRO A 365 8.01 1.77 -9.60
N LEU A 366 7.89 0.46 -9.76
CA LEU A 366 9.05 -0.42 -9.73
C LEU A 366 9.94 -0.19 -10.96
N SER A 367 11.23 -0.06 -10.71
CA SER A 367 12.25 0.03 -11.75
C SER A 367 13.29 -1.05 -11.50
N TRP A 368 13.73 -1.71 -12.58
CA TRP A 368 14.63 -2.86 -12.42
C TRP A 368 15.95 -2.45 -11.76
N ASP A 369 16.43 -1.25 -12.05
CA ASP A 369 17.71 -0.81 -11.50
C ASP A 369 17.71 -0.76 -9.98
N LYS A 370 16.55 -0.64 -9.35
CA LYS A 370 16.45 -0.52 -7.90
C LYS A 370 15.62 -1.65 -7.29
N VAL A 371 15.63 -2.83 -7.91
CA VAL A 371 14.94 -3.99 -7.38
C VAL A 371 15.89 -4.76 -6.48
N ARG A 372 15.44 -5.06 -5.25
CA ARG A 372 16.20 -5.87 -4.32
C ARG A 372 15.85 -7.34 -4.55
N ILE A 373 16.84 -8.12 -4.95
CA ILE A 373 16.65 -9.55 -5.26
C ILE A 373 16.58 -10.39 -3.98
N PRO A 374 17.49 -10.24 -3.02
CA PRO A 374 17.39 -11.04 -1.80
C PRO A 374 16.27 -10.55 -0.89
N GLY A 375 15.94 -11.37 0.10
CA GLY A 375 14.89 -11.04 1.03
C GLY A 375 14.51 -12.24 1.88
N VAL A 376 13.52 -12.02 2.75
CA VAL A 376 13.15 -13.02 3.73
C VAL A 376 12.49 -14.22 3.06
N LEU A 377 11.51 -13.98 2.19
CA LEU A 377 10.81 -15.08 1.55
C LEU A 377 11.63 -15.73 0.45
N GLN A 378 12.57 -15.01 -0.15
CA GLN A 378 13.50 -15.62 -1.09
C GLN A 378 14.43 -16.59 -0.38
N ARG A 379 14.88 -16.23 0.83
CA ARG A 379 15.70 -17.15 1.61
C ARG A 379 14.94 -18.40 1.98
N LEU A 380 13.67 -18.26 2.38
CA LEU A 380 12.86 -19.42 2.73
C LEU A 380 12.58 -20.29 1.50
N GLY A 381 12.35 -19.66 0.35
CA GLY A 381 12.09 -20.44 -0.86
C GLY A 381 13.29 -21.27 -1.30
N VAL A 382 14.49 -20.69 -1.24
CA VAL A 382 15.69 -21.43 -1.60
C VAL A 382 16.00 -22.49 -0.55
N THR A 383 15.85 -22.15 0.73
CA THR A 383 16.11 -23.11 1.79
C THR A 383 15.11 -24.26 1.76
N TYR A 384 13.84 -23.96 1.51
CA TYR A 384 12.83 -25.02 1.43
C TYR A 384 13.13 -25.99 0.30
N PHE A 385 13.54 -25.48 -0.86
CA PHE A 385 13.80 -26.34 -2.00
C PHE A 385 14.94 -27.31 -1.72
N VAL A 386 16.06 -26.80 -1.18
CA VAL A 386 17.23 -27.65 -0.97
C VAL A 386 16.94 -28.71 0.08
N VAL A 387 16.30 -28.31 1.19
CA VAL A 387 16.06 -29.26 2.28
C VAL A 387 15.01 -30.28 1.88
N ALA A 388 13.91 -29.84 1.25
CA ALA A 388 12.85 -30.75 0.89
C ALA A 388 13.30 -31.75 -0.19
N VAL A 389 14.07 -31.29 -1.17
CA VAL A 389 14.59 -32.18 -2.19
C VAL A 389 15.56 -33.18 -1.57
N LEU A 390 16.40 -32.71 -0.64
CA LEU A 390 17.32 -33.61 0.05
C LEU A 390 16.57 -34.65 0.88
N GLU A 391 15.50 -34.23 1.57
CA GLU A 391 14.71 -35.18 2.34
C GLU A 391 13.96 -36.14 1.43
N LEU A 392 13.42 -35.64 0.31
CA LEU A 392 12.69 -36.48 -0.61
C LEU A 392 13.60 -37.51 -1.28
N LEU A 393 14.83 -37.10 -1.62
CA LEU A 393 15.73 -37.97 -2.37
C LEU A 393 16.14 -39.19 -1.56
N PHE A 394 16.40 -39.02 -0.26
CA PHE A 394 16.79 -40.12 0.61
C PHE A 394 15.70 -40.47 1.62
N ALA A 395 14.43 -40.33 1.23
CA ALA A 395 13.34 -40.60 2.15
C ALA A 395 13.26 -42.08 2.49
N LYS A 396 12.98 -42.36 3.76
CA LYS A 396 12.82 -43.71 4.27
C LYS A 396 11.57 -43.80 5.13
N PRO A 397 10.93 -44.96 5.17
CA PRO A 397 9.78 -45.13 6.06
C PRO A 397 10.19 -45.07 7.52
N VAL A 398 9.27 -44.61 8.35
CA VAL A 398 9.52 -44.49 9.78
C VAL A 398 9.20 -45.84 10.44
N PRO A 399 10.19 -46.52 11.00
CA PRO A 399 9.91 -47.80 11.65
C PRO A 399 9.19 -47.61 12.97
N GLU A 400 8.49 -48.67 13.39
CA GLU A 400 7.71 -48.63 14.62
C GLU A 400 8.45 -49.34 15.76
N CYS A 408 15.10 -46.30 23.33
CA CYS A 408 15.74 -45.67 24.47
C CYS A 408 17.17 -45.27 24.14
N LEU A 409 18.00 -46.26 23.80
CA LEU A 409 19.39 -46.04 23.41
C LEU A 409 19.58 -46.03 21.91
N SER A 410 18.49 -46.05 21.14
CA SER A 410 18.59 -46.15 19.70
C SER A 410 19.06 -44.82 19.10
N LEU A 411 19.74 -44.93 17.95
CA LEU A 411 20.18 -43.78 17.16
C LEU A 411 19.63 -43.85 15.74
N ARG A 412 18.44 -44.44 15.60
CA ARG A 412 17.87 -44.73 14.29
C ARG A 412 17.32 -43.50 13.57
N ASP A 413 17.15 -42.37 14.25
CA ASP A 413 16.76 -41.14 13.56
C ASP A 413 17.95 -40.40 12.98
N ILE A 414 19.17 -40.72 13.42
CA ILE A 414 20.38 -40.08 12.93
C ILE A 414 21.12 -40.97 11.95
N THR A 415 21.27 -42.25 12.29
CA THR A 415 22.00 -43.18 11.43
C THR A 415 21.30 -43.36 10.08
N SER A 416 19.97 -43.43 10.09
CA SER A 416 19.22 -43.63 8.85
C SER A 416 19.25 -42.43 7.93
N SER A 417 19.72 -41.28 8.40
CA SER A 417 19.80 -40.07 7.59
C SER A 417 21.23 -39.59 7.45
N TRP A 418 22.16 -40.52 7.28
CA TRP A 418 23.57 -40.16 7.13
C TRP A 418 23.89 -39.52 5.78
N PRO A 419 23.21 -39.84 4.66
CA PRO A 419 23.47 -39.08 3.44
C PRO A 419 23.19 -37.60 3.57
N GLN A 420 22.12 -37.21 4.28
CA GLN A 420 21.89 -35.78 4.52
C GLN A 420 22.99 -35.18 5.39
N TRP A 421 23.38 -35.88 6.46
CA TRP A 421 24.36 -35.32 7.39
C TRP A 421 25.70 -35.12 6.70
N LEU A 422 26.12 -36.06 5.86
CA LEU A 422 27.39 -35.92 5.16
C LEU A 422 27.38 -34.71 4.24
N LEU A 423 26.27 -34.48 3.53
CA LEU A 423 26.19 -33.33 2.65
C LEU A 423 26.03 -32.02 3.42
N ILE A 424 25.35 -32.06 4.57
CA ILE A 424 25.15 -30.84 5.36
C ILE A 424 26.48 -30.36 5.92
N LEU A 425 27.32 -31.27 6.42
CA LEU A 425 28.63 -30.88 6.92
C LEU A 425 29.59 -30.48 5.81
N VAL A 426 29.38 -30.98 4.59
CA VAL A 426 30.16 -30.51 3.45
C VAL A 426 29.76 -29.08 3.09
N LEU A 427 28.47 -28.78 3.15
CA LEU A 427 28.02 -27.40 2.94
C LEU A 427 28.55 -26.48 4.02
N GLU A 428 28.55 -26.94 5.28
CA GLU A 428 29.05 -26.11 6.37
C GLU A 428 30.53 -25.82 6.20
N GLY A 429 31.30 -26.80 5.71
CA GLY A 429 32.70 -26.54 5.42
C GLY A 429 32.89 -25.50 4.34
N LEU A 430 31.99 -25.46 3.36
CA LEU A 430 32.05 -24.45 2.32
C LEU A 430 31.83 -23.05 2.89
N TRP A 431 30.89 -22.91 3.83
CA TRP A 431 30.66 -21.61 4.45
C TRP A 431 31.87 -21.16 5.25
N LEU A 432 32.46 -22.06 6.03
CA LEU A 432 33.66 -21.71 6.79
C LEU A 432 34.83 -21.42 5.86
N GLY A 433 34.95 -22.18 4.77
CA GLY A 433 36.05 -21.95 3.84
C GLY A 433 35.97 -20.62 3.13
N LEU A 434 34.77 -20.25 2.68
CA LEU A 434 34.62 -18.96 1.99
C LEU A 434 34.69 -17.79 2.97
N THR A 435 34.27 -18.00 4.22
CA THR A 435 34.25 -16.90 5.18
C THR A 435 35.65 -16.54 5.67
N PHE A 436 36.48 -17.54 5.94
CA PHE A 436 37.77 -17.32 6.57
C PHE A 436 38.95 -17.39 5.62
N LEU A 437 38.76 -17.86 4.39
CA LEU A 437 39.87 -18.08 3.48
C LEU A 437 39.74 -17.38 2.13
N LEU A 438 38.55 -17.03 1.68
CA LEU A 438 38.40 -16.38 0.39
C LEU A 438 39.01 -14.98 0.43
N PRO A 439 39.91 -14.64 -0.48
CA PRO A 439 40.50 -13.29 -0.47
C PRO A 439 39.56 -12.26 -1.08
N VAL A 440 39.34 -11.17 -0.36
CA VAL A 440 38.51 -10.06 -0.82
C VAL A 440 39.46 -8.94 -1.23
N PRO A 441 39.41 -8.46 -2.48
CA PRO A 441 40.34 -7.42 -2.90
C PRO A 441 40.18 -6.14 -2.10
N GLY A 442 41.31 -5.55 -1.72
CA GLY A 442 41.29 -4.37 -0.88
C GLY A 442 40.63 -4.59 0.47
N CYS A 443 40.84 -5.77 1.04
CA CYS A 443 40.15 -6.16 2.27
C CYS A 443 40.88 -7.32 2.94
N PRO A 444 40.93 -7.36 4.26
CA PRO A 444 41.60 -8.49 4.93
C PRO A 444 40.85 -9.79 4.70
N THR A 445 41.59 -10.89 4.74
CA THR A 445 41.01 -12.21 4.60
C THR A 445 40.43 -12.66 5.93
N GLY A 446 39.21 -13.21 5.88
CA GLY A 446 38.55 -13.63 7.10
C GLY A 446 37.99 -12.50 7.93
N TYR A 447 37.75 -11.34 7.33
CA TYR A 447 37.21 -10.21 8.05
C TYR A 447 35.76 -10.45 8.44
N LEU A 448 35.44 -10.21 9.72
CA LEU A 448 34.10 -10.42 10.23
C LEU A 448 33.48 -9.16 10.82
N GLY A 449 34.14 -8.01 10.69
CA GLY A 449 33.65 -6.79 11.26
C GLY A 449 32.64 -6.09 10.38
N PRO A 450 32.16 -4.94 10.86
CA PRO A 450 31.13 -4.20 10.13
C PRO A 450 31.64 -3.13 9.18
N GLY A 451 32.93 -2.83 9.17
CA GLY A 451 33.40 -1.72 8.38
C GLY A 451 32.99 -0.39 8.99
N GLY A 452 32.87 0.62 8.13
CA GLY A 452 32.52 1.94 8.61
C GLY A 452 33.59 2.50 9.52
N ILE A 453 33.14 3.09 10.64
CA ILE A 453 34.08 3.55 11.66
C ILE A 453 34.49 2.43 12.61
N GLY A 454 33.97 1.23 12.44
CA GLY A 454 34.38 0.11 13.26
C GLY A 454 35.77 -0.38 12.90
N ASP A 455 36.35 -1.14 13.83
CA ASP A 455 37.73 -1.62 13.71
C ASP A 455 38.70 -0.44 13.50
N PHE A 456 38.46 0.65 14.24
CA PHE A 456 39.26 1.86 14.17
C PHE A 456 39.27 2.47 12.77
N GLY A 457 38.20 2.25 12.02
CA GLY A 457 38.04 2.89 10.72
C GLY A 457 39.11 2.54 9.71
N LYS A 458 39.62 1.31 9.73
CA LYS A 458 40.66 0.90 8.80
C LYS A 458 40.11 0.24 7.55
N TYR A 459 38.90 -0.30 7.60
CA TYR A 459 38.27 -0.97 6.46
C TYR A 459 36.85 -0.42 6.30
N PRO A 460 36.72 0.84 5.90
CA PRO A 460 35.37 1.45 5.85
C PRO A 460 34.41 0.76 4.90
N ASN A 461 34.90 0.21 3.79
CA ASN A 461 34.04 -0.39 2.77
C ASN A 461 34.04 -1.91 2.82
N CYS A 462 34.50 -2.50 3.92
CA CYS A 462 34.58 -3.94 4.08
C CYS A 462 33.44 -4.52 4.90
N THR A 463 32.25 -3.95 4.81
CA THR A 463 31.12 -4.43 5.60
C THR A 463 30.72 -5.81 5.09
N GLY A 464 30.85 -6.81 5.96
CA GLY A 464 30.45 -8.17 5.64
C GLY A 464 31.58 -9.10 5.24
N GLY A 465 32.75 -8.56 4.92
CA GLY A 465 33.86 -9.42 4.51
C GLY A 465 33.55 -10.11 3.20
N ALA A 466 33.74 -11.44 3.19
CA ALA A 466 33.49 -12.22 1.99
C ALA A 466 32.01 -12.41 1.71
N ALA A 467 31.15 -12.33 2.74
CA ALA A 467 29.72 -12.47 2.52
C ALA A 467 29.18 -11.32 1.68
N GLY A 468 29.61 -10.08 1.97
CA GLY A 468 29.16 -8.95 1.20
C GLY A 468 29.88 -8.81 -0.13
N TYR A 469 31.11 -9.32 -0.22
CA TYR A 469 31.84 -9.30 -1.48
C TYR A 469 31.16 -10.18 -2.53
N ILE A 470 30.64 -11.33 -2.11
CA ILE A 470 29.96 -12.22 -3.04
C ILE A 470 28.67 -11.59 -3.56
N ASP A 471 27.91 -10.93 -2.68
CA ASP A 471 26.68 -10.26 -3.11
C ASP A 471 26.97 -9.12 -4.07
N ARG A 472 27.97 -8.29 -3.76
CA ARG A 472 28.30 -7.18 -4.65
C ARG A 472 28.82 -7.68 -5.99
N LEU A 473 29.57 -8.78 -5.98
CA LEU A 473 30.11 -9.31 -7.22
C LEU A 473 29.03 -9.96 -8.08
N LEU A 474 28.14 -10.74 -7.47
CA LEU A 474 27.15 -11.51 -8.22
C LEU A 474 25.89 -10.73 -8.53
N LEU A 475 25.43 -9.88 -7.61
CA LEU A 475 24.19 -9.13 -7.78
C LEU A 475 24.39 -7.64 -7.99
N GLY A 476 25.43 -7.06 -7.44
CA GLY A 476 25.65 -5.62 -7.53
C GLY A 476 25.02 -4.88 -6.38
N ASP A 477 25.55 -3.68 -6.12
CA ASP A 477 25.09 -2.89 -4.98
C ASP A 477 23.65 -2.45 -5.16
N ASP A 478 23.24 -2.17 -6.40
CA ASP A 478 21.90 -1.66 -6.66
C ASP A 478 20.82 -2.68 -6.32
N HIS A 479 21.16 -3.97 -6.26
CA HIS A 479 20.18 -5.02 -6.00
C HIS A 479 20.30 -5.60 -4.60
N LEU A 480 21.00 -4.90 -3.70
CA LEU A 480 21.16 -5.33 -2.32
C LEU A 480 20.32 -4.46 -1.40
N TYR A 481 20.39 -4.75 -0.11
CA TYR A 481 19.63 -4.02 0.89
C TYR A 481 20.39 -2.76 1.28
N GLN A 482 19.73 -1.61 1.15
CA GLN A 482 20.42 -0.33 1.22
C GLN A 482 20.52 0.24 2.63
N HIS A 483 19.89 -0.36 3.62
CA HIS A 483 19.86 0.19 4.98
C HIS A 483 20.23 -0.89 5.99
N PRO A 484 21.48 -1.37 5.97
CA PRO A 484 21.87 -2.38 6.96
C PRO A 484 21.85 -1.82 8.36
N SER A 485 21.66 -2.71 9.34
CA SER A 485 21.54 -2.29 10.74
C SER A 485 22.80 -1.64 11.26
N SER A 486 23.96 -1.91 10.66
CA SER A 486 25.21 -1.31 11.10
C SER A 486 25.36 0.13 10.66
N ALA A 487 24.47 0.64 9.80
CA ALA A 487 24.62 1.98 9.24
C ALA A 487 24.47 3.08 10.27
N VAL A 488 23.96 2.78 11.46
CA VAL A 488 23.75 3.80 12.48
C VAL A 488 24.87 3.81 13.52
N LEU A 489 25.23 2.65 14.07
CA LEU A 489 26.26 2.61 15.09
C LEU A 489 27.65 2.74 14.49
N TYR A 490 27.89 2.11 13.34
CA TYR A 490 29.21 2.10 12.71
C TYR A 490 29.29 3.00 11.49
N HIS A 491 28.19 3.65 11.11
CA HIS A 491 28.17 4.63 10.02
C HIS A 491 28.72 4.03 8.72
N THR A 492 28.30 2.81 8.41
CA THR A 492 28.70 2.17 7.17
C THR A 492 28.05 2.86 5.98
N GLU A 493 28.74 2.84 4.84
CA GLU A 493 28.28 3.51 3.63
C GLU A 493 27.88 2.55 2.51
N VAL A 494 28.42 1.35 2.48
CA VAL A 494 28.15 0.40 1.41
C VAL A 494 26.83 -0.31 1.66
N ALA A 495 26.31 -0.99 0.64
CA ALA A 495 25.07 -1.73 0.75
C ALA A 495 25.38 -3.18 1.14
N TYR A 496 24.76 -3.64 2.22
CA TYR A 496 24.89 -5.02 2.65
C TYR A 496 23.49 -5.61 2.82
N ASP A 497 23.32 -6.85 2.36
CA ASP A 497 22.04 -7.53 2.47
C ASP A 497 22.15 -8.65 3.50
N PRO A 498 21.40 -8.59 4.60
CA PRO A 498 21.46 -9.68 5.58
C PRO A 498 21.01 -11.02 5.02
N GLU A 499 20.15 -11.03 4.00
CA GLU A 499 19.72 -12.26 3.35
C GLU A 499 20.53 -12.51 2.08
N GLY A 500 21.84 -12.57 2.25
CA GLY A 500 22.75 -12.69 1.14
C GLY A 500 22.88 -14.11 0.61
N ILE A 501 23.84 -14.28 -0.29
CA ILE A 501 24.03 -15.57 -0.94
C ILE A 501 24.81 -16.53 -0.06
N LEU A 502 25.89 -16.05 0.59
CA LEU A 502 26.71 -16.93 1.40
C LEU A 502 25.97 -17.43 2.63
N GLY A 503 25.16 -16.57 3.25
CA GLY A 503 24.46 -16.95 4.45
C GLY A 503 23.34 -17.95 4.25
N THR A 504 22.97 -18.24 2.99
CA THR A 504 21.96 -19.24 2.71
C THR A 504 22.43 -20.64 3.09
N ILE A 505 23.74 -20.87 3.12
CA ILE A 505 24.27 -22.16 3.55
C ILE A 505 23.86 -22.45 4.99
N ASN A 506 23.95 -21.45 5.85
CA ASN A 506 23.59 -21.62 7.25
C ASN A 506 22.07 -21.62 7.47
N SER A 507 21.29 -21.09 6.53
CA SER A 507 19.85 -21.26 6.60
C SER A 507 19.45 -22.71 6.37
N ILE A 508 20.18 -23.40 5.48
CA ILE A 508 19.93 -24.81 5.24
C ILE A 508 20.31 -25.63 6.46
N VAL A 509 21.41 -25.25 7.14
CA VAL A 509 21.80 -25.94 8.36
C VAL A 509 20.73 -25.77 9.44
N MET A 510 20.20 -24.56 9.58
CA MET A 510 19.15 -24.32 10.56
C MET A 510 17.88 -25.10 10.22
N ALA A 511 17.52 -25.15 8.93
CA ALA A 511 16.32 -25.87 8.53
C ALA A 511 16.51 -27.38 8.64
N PHE A 512 17.73 -27.86 8.51
CA PHE A 512 18.00 -29.29 8.70
C PHE A 512 18.00 -29.69 10.17
N LEU A 513 18.23 -28.76 11.08
CA LEU A 513 18.05 -29.06 12.50
C LEU A 513 16.58 -29.09 12.88
N GLY A 514 15.74 -28.35 12.15
CA GLY A 514 14.30 -28.52 12.30
C GLY A 514 13.82 -29.87 11.82
N VAL A 515 14.44 -30.40 10.77
CA VAL A 515 14.11 -31.74 10.29
C VAL A 515 14.42 -32.77 11.36
N GLN A 516 15.55 -32.60 12.05
CA GLN A 516 15.89 -33.52 13.14
C GLN A 516 14.88 -33.44 14.28
N ALA A 517 14.38 -32.23 14.55
CA ALA A 517 13.33 -32.09 15.55
C ALA A 517 12.07 -32.84 15.13
N GLY A 518 11.69 -32.73 13.86
CA GLY A 518 10.55 -33.46 13.35
C GLY A 518 10.78 -34.95 13.21
N LYS A 519 12.05 -35.38 13.15
CA LYS A 519 12.36 -36.80 13.12
C LYS A 519 12.23 -37.42 14.50
N ILE A 520 12.64 -36.70 15.55
CA ILE A 520 12.48 -37.20 16.91
C ILE A 520 11.02 -37.38 17.26
N LEU A 521 10.18 -36.44 16.83
CA LEU A 521 8.76 -36.50 17.17
C LEU A 521 8.08 -37.71 16.55
N LEU A 522 8.42 -38.03 15.30
CA LEU A 522 7.76 -39.12 14.59
C LEU A 522 8.40 -40.48 14.85
N TYR A 523 9.72 -40.54 15.01
CA TYR A 523 10.38 -41.81 15.24
C TYR A 523 10.01 -42.37 16.61
N TYR A 524 9.93 -41.52 17.63
CA TYR A 524 9.65 -41.92 19.00
C TYR A 524 8.33 -41.34 19.49
N LYS A 525 7.31 -41.37 18.63
CA LYS A 525 6.01 -40.82 19.01
C LYS A 525 5.39 -41.58 20.17
N ALA A 526 5.58 -42.90 20.20
CA ALA A 526 4.97 -43.72 21.24
C ALA A 526 5.50 -43.37 22.62
N ARG A 527 6.80 -43.14 22.74
CA ARG A 527 7.44 -42.89 24.04
C ARG A 527 7.67 -41.40 24.20
N THR A 528 6.96 -40.79 25.16
CA THR A 528 7.18 -39.38 25.45
C THR A 528 8.56 -39.15 26.07
N LYS A 529 9.01 -40.06 26.94
CA LYS A 529 10.31 -39.91 27.58
C LYS A 529 11.44 -39.95 26.56
N ASP A 530 11.26 -40.69 25.46
CA ASP A 530 12.29 -40.72 24.42
C ASP A 530 12.40 -39.38 23.71
N ILE A 531 11.27 -38.73 23.46
CA ILE A 531 11.29 -37.41 22.82
C ILE A 531 11.97 -36.39 23.73
N LEU A 532 11.63 -36.41 25.02
CA LEU A 532 12.18 -35.41 25.95
C LEU A 532 13.68 -35.59 26.12
N ILE A 533 14.16 -36.82 26.15
CA ILE A 533 15.59 -37.07 26.28
C ILE A 533 16.34 -36.53 25.07
N ARG A 534 15.81 -36.76 23.87
CA ARG A 534 16.49 -36.31 22.66
C ARG A 534 16.47 -34.78 22.55
N PHE A 535 15.36 -34.15 22.92
CA PHE A 535 15.31 -32.69 22.88
C PHE A 535 16.28 -32.06 23.86
N THR A 536 16.54 -32.72 24.99
CA THR A 536 17.50 -32.20 25.97
C THR A 536 18.94 -32.40 25.49
N ALA A 537 19.22 -33.55 24.87
CA ALA A 537 20.58 -33.80 24.38
C ALA A 537 20.96 -32.85 23.26
N TRP A 538 20.01 -32.54 22.37
CA TRP A 538 20.31 -31.64 21.27
C TRP A 538 20.45 -30.20 21.76
N CYS A 539 19.61 -29.80 22.71
CA CYS A 539 19.71 -28.46 23.27
C CYS A 539 21.04 -28.26 23.99
N CYS A 540 21.48 -29.27 24.74
CA CYS A 540 22.74 -29.15 25.48
C CYS A 540 23.94 -29.21 24.55
N ILE A 541 23.92 -30.08 23.54
CA ILE A 541 25.07 -30.22 22.65
C ILE A 541 25.22 -28.99 21.76
N LEU A 542 24.11 -28.50 21.20
CA LEU A 542 24.18 -27.29 20.39
C LEU A 542 24.51 -26.06 21.22
N GLY A 543 24.09 -26.04 22.49
CA GLY A 543 24.48 -24.97 23.37
C GLY A 543 25.96 -24.96 23.70
N LEU A 544 26.56 -26.14 23.82
CA LEU A 544 27.98 -26.22 24.12
C LEU A 544 28.83 -25.75 22.94
N ILE A 545 28.38 -26.00 21.71
CA ILE A 545 29.10 -25.52 20.54
C ILE A 545 29.09 -23.99 20.50
N SER A 546 27.96 -23.39 20.86
CA SER A 546 27.87 -21.93 20.86
C SER A 546 28.80 -21.31 21.91
N VAL A 547 28.94 -21.96 23.06
CA VAL A 547 29.82 -21.45 24.10
C VAL A 547 31.27 -21.43 23.62
N ALA A 548 31.71 -22.50 22.95
CA ALA A 548 33.07 -22.55 22.43
C ALA A 548 33.27 -21.55 21.30
N LEU A 549 32.27 -21.40 20.43
CA LEU A 549 32.41 -20.51 19.28
C LEU A 549 32.36 -19.05 19.71
N THR A 550 31.41 -18.68 20.57
CA THR A 550 31.25 -17.29 20.97
C THR A 550 32.16 -16.89 22.11
N LYS A 551 32.71 -17.86 22.85
CA LYS A 551 33.53 -17.59 24.03
C LYS A 551 32.74 -16.73 25.02
N VAL A 552 31.46 -17.07 25.17
CA VAL A 552 30.44 -16.34 25.95
C VAL A 552 30.68 -14.84 25.92
N SER A 553 30.94 -14.30 24.74
CA SER A 553 31.21 -12.88 24.55
C SER A 553 30.45 -12.36 23.35
N GLU A 554 30.24 -11.05 23.32
CA GLU A 554 29.52 -10.44 22.20
C GLU A 554 30.42 -10.28 20.98
N ASN A 555 31.61 -9.70 21.17
CA ASN A 555 32.50 -9.37 20.07
C ASN A 555 33.74 -10.23 20.00
N GLU A 556 34.05 -11.00 21.04
CA GLU A 556 35.19 -11.88 21.05
C GLU A 556 34.76 -13.28 20.59
N GLY A 557 35.71 -14.20 20.56
CA GLY A 557 35.42 -15.55 20.14
C GLY A 557 35.71 -15.78 18.66
N PHE A 558 35.82 -17.06 18.30
CA PHE A 558 36.18 -17.41 16.94
C PHE A 558 35.10 -16.98 15.95
N ILE A 559 33.84 -17.26 16.28
CA ILE A 559 32.71 -16.86 15.43
C ILE A 559 31.66 -16.17 16.30
N PRO A 560 31.67 -14.85 16.41
CA PRO A 560 30.63 -14.17 17.19
C PRO A 560 29.25 -14.32 16.56
N VAL A 561 28.22 -14.25 17.41
CA VAL A 561 26.85 -14.34 16.94
C VAL A 561 26.55 -13.10 16.08
N ASN A 562 26.02 -13.33 14.89
CA ASN A 562 25.78 -12.25 13.94
C ASN A 562 24.64 -12.65 13.03
N LYS A 563 23.53 -11.92 13.10
CA LYS A 563 22.40 -12.18 12.23
C LYS A 563 22.68 -11.77 10.79
N ASN A 564 23.44 -10.68 10.60
CA ASN A 564 23.74 -10.23 9.25
C ASN A 564 24.54 -11.27 8.47
N LEU A 565 25.54 -11.87 9.12
CA LEU A 565 26.33 -12.91 8.47
C LEU A 565 25.68 -14.27 8.52
N TRP A 566 24.62 -14.44 9.32
CA TRP A 566 24.03 -15.74 9.59
C TRP A 566 25.11 -16.75 9.99
N SER A 567 25.88 -16.36 11.01
CA SER A 567 27.07 -17.09 11.39
C SER A 567 26.72 -18.47 11.93
N LEU A 568 27.75 -19.31 12.05
CA LEU A 568 27.55 -20.65 12.60
C LEU A 568 27.08 -20.61 14.04
N SER A 569 27.68 -19.73 14.86
CA SER A 569 27.27 -19.60 16.24
C SER A 569 25.91 -18.95 16.39
N TYR A 570 25.45 -18.21 15.38
CA TYR A 570 24.08 -17.72 15.36
C TYR A 570 23.10 -18.87 15.18
N VAL A 571 23.43 -19.83 14.32
CA VAL A 571 22.56 -20.97 14.07
C VAL A 571 22.53 -21.91 15.27
N THR A 572 23.70 -22.21 15.83
CA THR A 572 23.75 -23.14 16.96
C THR A 572 23.13 -22.55 18.22
N THR A 573 23.19 -21.22 18.37
CA THR A 573 22.56 -20.59 19.53
C THR A 573 21.04 -20.62 19.41
N LEU A 574 20.51 -20.26 18.24
CA LEU A 574 19.07 -20.21 18.05
C LEU A 574 18.44 -21.59 17.94
N SER A 575 19.21 -22.57 17.46
CA SER A 575 18.71 -23.95 17.46
C SER A 575 18.69 -24.54 18.86
N SER A 576 19.64 -24.15 19.71
CA SER A 576 19.61 -24.57 21.10
C SER A 576 18.38 -24.01 21.81
N PHE A 577 18.03 -22.75 21.52
CA PHE A 577 16.81 -22.17 22.06
C PHE A 577 15.57 -22.88 21.53
N ALA A 578 15.58 -23.21 20.23
CA ALA A 578 14.41 -23.84 19.62
C ALA A 578 14.17 -25.24 20.16
N PHE A 579 15.24 -25.99 20.42
CA PHE A 579 15.09 -27.31 21.01
C PHE A 579 14.61 -27.23 22.45
N PHE A 580 14.98 -26.17 23.17
CA PHE A 580 14.52 -26.00 24.54
C PHE A 580 13.05 -25.59 24.59
N ILE A 581 12.61 -24.78 23.64
CA ILE A 581 11.20 -24.39 23.59
C ILE A 581 10.33 -25.60 23.32
N LEU A 582 10.74 -26.45 22.38
CA LEU A 582 10.01 -27.69 22.12
C LEU A 582 10.06 -28.63 23.31
N LEU A 583 11.14 -28.58 24.09
CA LEU A 583 11.23 -29.39 25.30
C LEU A 583 10.16 -29.00 26.32
N VAL A 584 9.76 -27.73 26.33
CA VAL A 584 8.75 -27.26 27.27
C VAL A 584 7.35 -27.32 26.65
N LEU A 585 7.24 -26.99 25.37
CA LEU A 585 5.92 -26.90 24.75
C LEU A 585 5.31 -28.27 24.50
N TYR A 586 6.13 -29.25 24.11
CA TYR A 586 5.57 -30.56 23.72
C TYR A 586 4.85 -31.26 24.85
N PRO A 587 5.42 -31.45 26.05
CA PRO A 587 4.66 -32.15 27.10
C PRO A 587 3.53 -31.31 27.69
N VAL A 588 3.69 -30.00 27.74
CA VAL A 588 2.65 -29.14 28.29
C VAL A 588 1.44 -29.09 27.35
N VAL A 589 1.69 -28.93 26.05
CA VAL A 589 0.61 -28.66 25.11
C VAL A 589 0.10 -29.94 24.45
N ASP A 590 0.99 -30.85 24.04
CA ASP A 590 0.59 -32.01 23.27
C ASP A 590 0.34 -33.25 24.11
N VAL A 591 1.19 -33.53 25.09
CA VAL A 591 1.07 -34.77 25.86
C VAL A 591 0.05 -34.62 26.97
N LYS A 592 0.31 -33.72 27.93
CA LYS A 592 -0.60 -33.56 29.05
C LYS A 592 -1.85 -32.80 28.66
N GLY A 593 -1.71 -31.75 27.84
CA GLY A 593 -2.84 -30.92 27.50
C GLY A 593 -3.21 -29.90 28.53
N LEU A 594 -2.27 -29.51 29.40
CA LEU A 594 -2.56 -28.49 30.40
C LEU A 594 -2.83 -27.14 29.75
N TRP A 595 -2.23 -26.88 28.60
CA TRP A 595 -2.38 -25.63 27.88
C TRP A 595 -2.67 -25.94 26.42
N THR A 596 -3.59 -25.20 25.83
CA THR A 596 -3.96 -25.40 24.43
C THR A 596 -3.16 -24.53 23.48
N GLY A 597 -2.25 -23.70 23.97
CA GLY A 597 -1.51 -22.78 23.14
C GLY A 597 -2.20 -21.47 22.86
N THR A 598 -3.34 -21.21 23.49
CA THR A 598 -4.06 -19.96 23.26
C THR A 598 -3.25 -18.78 23.78
N PRO A 599 -3.23 -17.65 23.06
CA PRO A 599 -3.85 -17.40 21.76
C PRO A 599 -2.85 -17.57 20.63
N PHE A 600 -1.76 -18.30 20.87
CA PHE A 600 -0.65 -18.33 19.93
C PHE A 600 -0.92 -19.19 18.70
N PHE A 601 -1.69 -20.26 18.84
CA PHE A 601 -1.84 -21.18 17.71
C PHE A 601 -2.76 -20.66 16.63
N TYR A 602 -3.59 -19.65 16.91
CA TYR A 602 -4.40 -19.05 15.86
C TYR A 602 -3.55 -18.38 14.78
N PRO A 603 -2.59 -17.49 15.10
CA PRO A 603 -1.69 -17.01 14.05
C PRO A 603 -0.82 -18.11 13.44
N GLY A 604 -0.46 -19.13 14.22
CA GLY A 604 0.43 -20.17 13.74
C GLY A 604 -0.16 -21.02 12.63
N MET A 605 -1.48 -21.04 12.49
CA MET A 605 -2.13 -21.79 11.42
C MET A 605 -2.39 -20.95 10.17
N ASN A 606 -2.11 -19.66 10.21
CA ASN A 606 -2.21 -18.75 9.06
C ASN A 606 -0.97 -17.88 8.99
N SER A 607 0.20 -18.51 9.07
CA SER A 607 1.45 -17.76 9.15
C SER A 607 1.70 -16.94 7.88
N ILE A 608 1.40 -17.50 6.71
CA ILE A 608 1.64 -16.76 5.47
C ILE A 608 0.67 -15.60 5.33
N LEU A 609 -0.58 -15.78 5.78
CA LEU A 609 -1.54 -14.67 5.72
C LEU A 609 -1.14 -13.53 6.65
N VAL A 610 -0.67 -13.87 7.86
CA VAL A 610 -0.26 -12.83 8.80
C VAL A 610 1.00 -12.13 8.32
N TYR A 611 1.96 -12.89 7.78
CA TYR A 611 3.20 -12.29 7.33
C TYR A 611 2.98 -11.37 6.12
N VAL A 612 2.30 -11.89 5.09
CA VAL A 612 2.04 -11.07 3.92
C VAL A 612 1.07 -9.96 4.26
N GLY A 613 0.13 -10.22 5.18
CA GLY A 613 -0.85 -9.21 5.52
C GLY A 613 -0.26 -7.99 6.20
N HIS A 614 0.67 -8.20 7.15
CA HIS A 614 1.18 -7.05 7.89
C HIS A 614 2.17 -6.24 7.07
N GLU A 615 2.71 -6.83 6.00
CA GLU A 615 3.54 -6.07 5.08
C GLU A 615 2.70 -5.16 4.20
N VAL A 616 1.57 -5.68 3.70
CA VAL A 616 0.71 -4.90 2.82
C VAL A 616 0.00 -3.79 3.57
N PHE A 617 -0.53 -4.09 4.76
CA PHE A 617 -1.34 -3.16 5.53
C PHE A 617 -0.57 -2.56 6.70
N GLU A 618 0.73 -2.31 6.50
CA GLU A 618 1.57 -1.78 7.58
C GLU A 618 1.18 -0.35 7.95
N ASN A 619 0.84 0.47 6.97
CA ASN A 619 0.53 1.87 7.19
C ASN A 619 -0.97 2.13 7.40
N TYR A 620 -1.78 1.10 7.31
CA TYR A 620 -3.23 1.25 7.35
C TYR A 620 -3.74 1.40 8.77
N PHE A 621 -4.86 2.10 8.90
CA PHE A 621 -5.60 2.08 10.15
C PHE A 621 -6.29 0.73 10.31
N PRO A 622 -6.38 0.19 11.54
CA PRO A 622 -5.94 0.73 12.83
C PRO A 622 -4.53 0.30 13.24
N PHE A 623 -3.75 -0.29 12.33
CA PHE A 623 -2.40 -0.69 12.69
C PHE A 623 -1.47 0.51 12.86
N GLN A 624 -1.85 1.68 12.36
CA GLN A 624 -1.00 2.85 12.44
C GLN A 624 -1.87 4.10 12.36
N TRP A 625 -1.56 5.09 13.20
CA TRP A 625 -2.25 6.36 13.18
C TRP A 625 -1.28 7.45 13.59
N LYS A 626 -1.64 8.69 13.30
CA LYS A 626 -0.77 9.81 13.64
C LYS A 626 -0.69 9.95 15.16
N LEU A 627 0.54 10.12 15.66
CA LEU A 627 0.79 10.17 17.08
C LEU A 627 0.88 11.63 17.55
N LYS A 628 0.36 11.89 18.75
CA LYS A 628 0.46 13.22 19.32
C LYS A 628 1.91 13.62 19.54
N ASP A 629 2.73 12.68 20.01
CA ASP A 629 4.16 12.92 20.24
C ASP A 629 4.94 11.80 19.56
N ASN A 630 5.57 12.11 18.44
CA ASN A 630 6.40 11.14 17.74
C ASN A 630 7.67 10.79 18.49
N GLN A 631 8.03 11.56 19.51
CA GLN A 631 9.24 11.33 20.30
C GLN A 631 8.92 10.72 21.67
N SER A 632 7.95 9.83 21.73
CA SER A 632 7.52 9.21 22.97
C SER A 632 7.61 7.69 22.85
N HIS A 633 8.27 7.06 23.81
CA HIS A 633 8.28 5.60 23.87
C HIS A 633 6.91 5.05 24.24
N LYS A 634 6.19 5.77 25.09
CA LYS A 634 4.88 5.29 25.55
C LYS A 634 3.86 5.27 24.42
N GLU A 635 3.87 6.29 23.55
CA GLU A 635 2.91 6.33 22.46
C GLU A 635 3.26 5.34 21.36
N HIS A 636 4.55 5.10 21.13
CA HIS A 636 4.96 4.11 20.14
C HIS A 636 4.66 2.71 20.62
N LEU A 637 4.91 2.42 21.90
CA LEU A 637 4.64 1.09 22.44
C LEU A 637 3.16 0.77 22.42
N THR A 638 2.31 1.73 22.79
CA THR A 638 0.87 1.48 22.80
C THR A 638 0.35 1.24 21.40
N GLN A 639 0.86 1.97 20.41
CA GLN A 639 0.45 1.77 19.03
C GLN A 639 0.87 0.39 18.51
N ASN A 640 2.09 -0.03 18.85
CA ASN A 640 2.60 -1.31 18.35
C ASN A 640 1.98 -2.50 19.06
N ILE A 641 1.63 -2.36 20.35
CA ILE A 641 0.96 -3.45 21.05
C ILE A 641 -0.46 -3.63 20.52
N VAL A 642 -1.18 -2.54 20.29
CA VAL A 642 -2.53 -2.62 19.76
C VAL A 642 -2.52 -3.22 18.37
N ALA A 643 -1.58 -2.80 17.53
CA ALA A 643 -1.49 -3.34 16.17
C ALA A 643 -1.19 -4.83 16.19
N THR A 644 -0.31 -5.27 17.09
CA THR A 644 -0.01 -6.70 17.20
C THR A 644 -1.22 -7.50 17.69
N ALA A 645 -1.96 -6.94 18.66
CA ALA A 645 -3.14 -7.64 19.17
C ALA A 645 -4.27 -7.71 18.14
N LEU A 646 -4.27 -6.82 17.15
CA LEU A 646 -5.27 -6.88 16.09
C LEU A 646 -4.96 -7.98 15.08
N TRP A 647 -3.69 -8.29 14.87
CA TRP A 647 -3.34 -9.40 13.98
C TRP A 647 -3.59 -10.75 14.62
N VAL A 648 -3.50 -10.84 15.95
CA VAL A 648 -3.92 -12.05 16.64
C VAL A 648 -5.43 -12.21 16.55
N LEU A 649 -6.16 -11.10 16.60
CA LEU A 649 -7.62 -11.16 16.50
C LEU A 649 -8.06 -11.48 15.07
N ILE A 650 -7.35 -10.95 14.07
CA ILE A 650 -7.66 -11.27 12.68
C ILE A 650 -7.47 -12.75 12.41
N ALA A 651 -6.35 -13.32 12.89
CA ALA A 651 -6.08 -14.74 12.70
C ALA A 651 -7.03 -15.62 13.51
N TYR A 652 -7.61 -15.09 14.59
CA TYR A 652 -8.61 -15.85 15.34
C TYR A 652 -9.92 -15.92 14.57
N ILE A 653 -10.29 -14.84 13.87
CA ILE A 653 -11.50 -14.85 13.06
C ILE A 653 -11.34 -15.80 11.89
N LEU A 654 -10.16 -15.83 11.28
CA LEU A 654 -9.91 -16.77 10.19
C LEU A 654 -9.99 -18.21 10.68
N TYR A 655 -9.50 -18.48 11.89
CA TYR A 655 -9.60 -19.82 12.46
C TYR A 655 -11.05 -20.21 12.69
N ARG A 656 -11.85 -19.29 13.23
CA ARG A 656 -13.25 -19.59 13.48
C ARG A 656 -14.04 -19.79 12.20
N LYS A 657 -13.68 -19.08 11.13
CA LYS A 657 -14.31 -19.24 9.83
C LYS A 657 -13.64 -20.31 8.98
N LYS A 658 -12.63 -21.01 9.52
CA LYS A 658 -11.96 -22.12 8.85
C LYS A 658 -11.35 -21.69 7.51
N ILE A 659 -10.75 -20.52 7.49
CA ILE A 659 -10.08 -19.99 6.31
C ILE A 659 -8.58 -20.13 6.55
N PHE A 660 -7.96 -21.14 5.93
CA PHE A 660 -6.53 -21.39 6.06
C PHE A 660 -5.90 -21.36 4.67
N TRP A 661 -4.83 -20.60 4.52
CA TRP A 661 -4.09 -20.50 3.28
C TRP A 661 -2.70 -21.11 3.45
N LYS A 662 -2.37 -22.05 2.58
CA LYS A 662 -1.05 -22.66 2.53
C LYS A 662 -0.48 -22.50 1.13
N ILE A 663 0.81 -22.15 1.05
CA ILE A 663 1.46 -21.94 -0.24
C ILE A 663 1.67 -23.28 -0.94
CA ALA B 75 11.78 18.68 -24.19
C ALA B 75 10.90 19.41 -23.17
N GLU B 76 10.68 20.71 -23.42
CA GLU B 76 9.84 21.51 -22.52
C GLU B 76 8.36 21.13 -22.62
N LEU B 77 7.93 20.56 -23.73
CA LEU B 77 6.52 20.22 -23.91
C LEU B 77 6.17 18.97 -23.12
N LYS B 78 5.08 19.05 -22.36
CA LYS B 78 4.55 17.91 -21.63
C LYS B 78 3.51 17.20 -22.50
N MET B 79 2.80 16.24 -21.92
CA MET B 79 1.77 15.52 -22.65
C MET B 79 0.60 16.43 -22.96
N ASP B 80 0.06 16.28 -24.18
CA ASP B 80 -1.07 17.10 -24.65
C ASP B 80 -0.73 18.59 -24.63
N GLN B 81 0.45 18.91 -25.17
CA GLN B 81 0.96 20.27 -25.19
C GLN B 81 1.57 20.58 -26.54
N ALA B 82 1.46 21.84 -26.95
CA ALA B 82 2.07 22.32 -28.18
C ALA B 82 2.86 23.59 -27.89
N LEU B 83 3.89 23.82 -28.68
CA LEU B 83 4.71 25.02 -28.56
C LEU B 83 4.15 26.10 -29.46
N LEU B 84 3.98 27.31 -28.89
CA LEU B 84 3.50 28.46 -29.63
C LEU B 84 4.51 29.59 -29.50
N LEU B 85 5.00 30.07 -30.63
CA LEU B 85 5.96 31.17 -30.68
C LEU B 85 5.25 32.40 -31.24
N ILE B 86 5.22 33.48 -30.47
CA ILE B 86 4.60 34.72 -30.89
C ILE B 86 5.68 35.70 -31.31
N HIS B 87 5.58 36.22 -32.53
CA HIS B 87 6.49 37.22 -33.04
C HIS B 87 5.73 38.55 -33.16
N ASN B 88 6.25 39.58 -32.51
CA ASN B 88 5.61 40.89 -32.47
C ASN B 88 6.40 41.84 -33.35
N GLU B 89 5.86 42.15 -34.53
CA GLU B 89 6.49 43.09 -35.44
C GLU B 89 6.01 44.53 -35.23
N LEU B 90 5.03 44.73 -34.35
CA LEU B 90 4.56 46.08 -34.06
C LEU B 90 5.62 46.88 -33.31
N LEU B 91 5.70 48.17 -33.61
CA LEU B 91 6.75 49.01 -33.05
C LEU B 91 6.36 49.67 -31.73
N TRP B 92 5.13 50.15 -31.62
CA TRP B 92 4.66 50.88 -30.44
C TRP B 92 3.44 50.21 -29.83
N THR B 93 3.49 48.88 -29.69
CA THR B 93 2.37 48.13 -29.14
C THR B 93 2.89 46.96 -28.33
N ASN B 94 2.55 46.92 -27.05
CA ASN B 94 2.79 45.76 -26.21
C ASN B 94 1.59 44.84 -26.29
N LEU B 95 1.84 43.54 -26.36
CA LEU B 95 0.80 42.55 -26.55
C LEU B 95 0.71 41.64 -25.33
N THR B 96 -0.52 41.37 -24.90
CA THR B 96 -0.80 40.36 -23.89
C THR B 96 -1.71 39.31 -24.52
N VAL B 97 -1.27 38.05 -24.50
CA VAL B 97 -1.99 36.97 -25.16
C VAL B 97 -2.79 36.23 -24.10
N TYR B 98 -4.11 36.17 -24.30
CA TYR B 98 -5.02 35.49 -23.39
C TYR B 98 -5.47 34.18 -24.03
N TRP B 99 -5.69 33.17 -23.19
CA TRP B 99 -6.04 31.84 -23.66
C TRP B 99 -7.31 31.37 -22.96
N LYS B 100 -8.24 30.81 -23.75
CA LYS B 100 -9.44 30.19 -23.22
C LYS B 100 -9.70 28.91 -24.00
N SER B 101 -10.04 27.85 -23.27
CA SER B 101 -10.38 26.58 -23.91
C SER B 101 -11.83 26.62 -24.40
N GLU B 102 -12.05 26.05 -25.58
CA GLU B 102 -13.41 26.00 -26.11
C GLU B 102 -14.32 25.10 -25.30
N CYS B 103 -13.77 24.15 -24.55
CA CYS B 103 -14.57 23.29 -23.70
C CYS B 103 -15.03 24.01 -22.43
N CYS B 104 -14.27 25.01 -21.98
CA CYS B 104 -14.61 25.72 -20.75
C CYS B 104 -15.79 26.65 -21.02
N TYR B 105 -16.89 26.44 -20.29
CA TYR B 105 -18.15 27.09 -20.58
C TYR B 105 -18.26 28.41 -19.81
N HIS B 106 -18.42 29.51 -20.55
CA HIS B 106 -18.61 30.84 -19.97
C HIS B 106 -17.47 31.19 -19.00
N CYS B 107 -16.25 30.88 -19.39
CA CYS B 107 -15.09 31.08 -18.53
C CYS B 107 -14.41 32.39 -18.86
N LEU B 108 -13.40 32.72 -18.06
CA LEU B 108 -12.60 33.92 -18.25
C LEU B 108 -11.33 33.58 -19.01
N PHE B 109 -10.86 34.54 -19.81
CA PHE B 109 -9.57 34.40 -20.47
C PHE B 109 -8.46 34.49 -19.44
N GLN B 110 -7.45 33.64 -19.60
CA GLN B 110 -6.30 33.61 -18.71
C GLN B 110 -5.05 34.05 -19.46
N VAL B 111 -4.18 34.78 -18.77
CA VAL B 111 -2.97 35.29 -19.40
C VAL B 111 -2.07 34.12 -19.78
N LEU B 112 -1.61 34.12 -21.03
CA LEU B 112 -0.72 33.08 -21.55
C LEU B 112 0.74 33.52 -21.57
N VAL B 113 1.03 34.66 -22.19
CA VAL B 113 2.39 35.17 -22.26
C VAL B 113 2.32 36.64 -22.64
N ASN B 114 3.28 37.42 -22.14
CA ASN B 114 3.39 38.84 -22.46
C ASN B 114 4.50 39.03 -23.48
N VAL B 115 4.18 39.59 -24.63
CA VAL B 115 5.12 39.78 -25.73
C VAL B 115 5.47 41.27 -25.79
N PRO B 116 6.72 41.65 -25.52
CA PRO B 116 7.10 43.06 -25.56
C PRO B 116 7.09 43.59 -26.99
N GLN B 117 7.15 44.91 -27.10
CA GLN B 117 7.19 45.57 -28.39
C GLN B 117 8.51 45.31 -29.09
N SER B 118 8.49 45.42 -30.42
CA SER B 118 9.69 45.21 -31.21
C SER B 118 10.62 46.42 -31.07
N PRO B 119 11.85 46.25 -30.61
CA PRO B 119 12.73 47.42 -30.45
C PRO B 119 13.03 48.14 -31.75
N LYS B 120 13.16 47.42 -32.86
CA LYS B 120 13.49 48.01 -34.15
C LYS B 120 12.72 47.29 -35.25
N ALA B 121 12.57 47.98 -36.38
CA ALA B 121 11.93 47.37 -37.52
C ALA B 121 12.77 46.22 -38.07
N GLY B 122 12.11 45.12 -38.41
CA GLY B 122 12.79 43.94 -38.89
C GLY B 122 13.37 43.04 -37.80
N LYS B 123 13.16 43.37 -36.54
CA LYS B 123 13.64 42.57 -35.41
C LYS B 123 12.45 42.28 -34.50
N PRO B 124 11.62 41.29 -34.86
CA PRO B 124 10.44 41.00 -34.06
C PRO B 124 10.79 40.48 -32.67
N SER B 125 9.94 40.81 -31.71
CA SER B 125 10.08 40.28 -30.36
C SER B 125 9.44 38.89 -30.28
N ALA B 126 10.16 37.94 -29.70
CA ALA B 126 9.73 36.55 -29.66
C ALA B 126 9.42 36.15 -28.23
N ALA B 127 8.25 35.54 -28.03
CA ALA B 127 7.86 34.98 -26.76
C ALA B 127 7.27 33.60 -27.00
N ALA B 128 7.58 32.66 -26.12
CA ALA B 128 7.15 31.27 -26.27
C ALA B 128 6.18 30.90 -25.15
N ALA B 129 5.24 30.02 -25.49
CA ALA B 129 4.26 29.54 -24.53
C ALA B 129 3.83 28.13 -24.93
N SER B 130 3.27 27.41 -23.96
CA SER B 130 2.75 26.07 -24.18
C SER B 130 1.23 26.11 -24.05
N VAL B 131 0.54 25.68 -25.10
CA VAL B 131 -0.92 25.69 -25.15
C VAL B 131 -1.43 24.26 -25.06
N SER B 132 -2.54 24.07 -24.35
CA SER B 132 -3.15 22.76 -24.24
C SER B 132 -3.78 22.37 -25.58
N THR B 133 -3.68 21.08 -25.91
CA THR B 133 -4.15 20.57 -27.19
C THR B 133 -5.28 19.55 -27.04
N GLN B 134 -5.80 19.36 -25.84
CA GLN B 134 -6.89 18.41 -25.65
C GLN B 134 -8.14 18.86 -26.38
N HIS B 135 -8.45 20.16 -26.33
CA HIS B 135 -9.62 20.73 -26.98
C HIS B 135 -9.18 21.90 -27.85
N GLY B 136 -10.17 22.58 -28.44
CA GLY B 136 -9.86 23.78 -29.21
C GLY B 136 -9.44 24.92 -28.32
N SER B 137 -8.63 25.82 -28.88
CA SER B 137 -8.08 26.94 -28.13
C SER B 137 -8.59 28.24 -28.72
N ILE B 138 -8.94 29.18 -27.83
CA ILE B 138 -9.32 30.54 -28.20
C ILE B 138 -8.25 31.47 -27.68
N LEU B 139 -7.63 32.23 -28.58
CA LEU B 139 -6.56 33.16 -28.23
C LEU B 139 -7.04 34.58 -28.50
N GLN B 140 -6.85 35.46 -27.52
CA GLN B 140 -7.17 36.87 -27.66
C GLN B 140 -5.91 37.68 -27.37
N LEU B 141 -5.53 38.52 -28.32
CA LEU B 141 -4.35 39.37 -28.19
C LEU B 141 -4.80 40.79 -27.97
N ASN B 142 -4.42 41.37 -26.84
CA ASN B 142 -4.88 42.68 -26.42
C ASN B 142 -3.69 43.63 -26.25
N ASP B 143 -3.88 44.87 -26.66
CA ASP B 143 -2.90 45.91 -26.39
C ASP B 143 -2.85 46.17 -24.89
N THR B 144 -1.67 45.95 -24.29
CA THR B 144 -1.56 46.09 -22.83
C THR B 144 -1.84 47.51 -22.38
N LEU B 145 -1.30 48.51 -23.11
CA LEU B 145 -1.44 49.89 -22.68
C LEU B 145 -2.88 50.38 -22.81
N GLU B 146 -3.51 50.12 -23.95
CA GLU B 146 -4.85 50.64 -24.22
C GLU B 146 -5.96 49.67 -23.83
N GLU B 147 -5.63 48.44 -23.43
CA GLU B 147 -6.62 47.42 -23.10
C GLU B 147 -7.62 47.23 -24.23
N LYS B 148 -7.10 47.19 -25.46
CA LYS B 148 -7.91 47.09 -26.67
C LYS B 148 -7.51 45.84 -27.44
N GLU B 149 -8.48 45.21 -28.08
CA GLU B 149 -8.25 43.95 -28.78
C GLU B 149 -7.60 44.20 -30.13
N VAL B 150 -6.51 43.48 -30.39
CA VAL B 150 -5.80 43.58 -31.67
C VAL B 150 -6.40 42.58 -32.66
N CYS B 151 -6.35 41.30 -32.31
CA CYS B 151 -6.93 40.26 -33.14
C CYS B 151 -7.32 39.08 -32.25
N ARG B 152 -8.25 38.26 -32.76
CA ARG B 152 -8.72 37.10 -32.04
C ARG B 152 -8.57 35.88 -32.93
N LEU B 153 -8.09 34.78 -32.34
CA LEU B 153 -7.74 33.59 -33.09
C LEU B 153 -8.37 32.36 -32.44
N GLU B 154 -9.03 31.54 -33.26
CA GLU B 154 -9.56 30.26 -32.81
C GLU B 154 -8.85 29.15 -33.59
N TYR B 155 -8.26 28.21 -32.86
CA TYR B 155 -7.47 27.17 -33.50
C TYR B 155 -7.34 25.99 -32.56
N ARG B 156 -7.34 24.79 -33.13
CA ARG B 156 -7.15 23.56 -32.37
C ARG B 156 -5.71 23.08 -32.61
N PHE B 157 -4.85 23.26 -31.63
CA PHE B 157 -3.46 22.86 -31.75
C PHE B 157 -3.32 21.36 -31.54
N GLY B 158 -2.21 20.81 -32.04
CA GLY B 158 -1.96 19.39 -31.93
C GLY B 158 -0.84 19.07 -30.96
N GLU B 159 -0.84 17.84 -30.44
CA GLU B 159 0.16 17.46 -29.44
C GLU B 159 1.56 17.49 -30.04
N PHE B 160 2.50 18.04 -29.27
CA PHE B 160 3.90 18.13 -29.66
C PHE B 160 4.07 18.86 -30.99
N GLY B 161 3.23 19.85 -31.23
CA GLY B 161 3.36 20.68 -32.40
C GLY B 161 4.20 21.92 -32.13
N ASN B 162 4.65 22.54 -33.21
CA ASN B 162 5.48 23.74 -33.14
C ASN B 162 4.83 24.77 -34.06
N TYR B 163 4.15 25.75 -33.47
CA TYR B 163 3.41 26.76 -34.23
C TYR B 163 4.00 28.13 -33.98
N SER B 164 3.91 28.99 -34.99
CA SER B 164 4.39 30.37 -34.91
C SER B 164 3.24 31.30 -35.24
N LEU B 165 3.01 32.28 -34.38
CA LEU B 165 1.97 33.29 -34.58
C LEU B 165 2.65 34.63 -34.80
N LEU B 166 2.58 35.14 -36.02
CA LEU B 166 3.23 36.39 -36.38
C LEU B 166 2.21 37.51 -36.36
N VAL B 167 2.46 38.53 -35.55
CA VAL B 167 1.60 39.70 -35.43
C VAL B 167 2.30 40.86 -36.11
N LYS B 168 1.83 41.25 -37.29
CA LYS B 168 2.40 42.35 -38.04
C LYS B 168 1.27 43.23 -38.57
N ASN B 169 1.59 44.50 -38.80
CA ASN B 169 0.62 45.46 -39.31
C ASN B 169 0.69 45.52 -40.83
N ILE B 170 -0.44 45.23 -41.48
CA ILE B 170 -0.49 45.25 -42.94
C ILE B 170 -0.50 46.69 -43.44
N HIS B 171 0.30 46.95 -44.46
CA HIS B 171 0.44 48.29 -45.03
C HIS B 171 -0.19 48.40 -46.42
N ASN B 172 -1.21 47.57 -46.69
CA ASN B 172 -1.89 47.59 -47.98
C ASN B 172 -2.99 48.66 -47.99
N GLY B 173 -2.56 49.90 -47.80
CA GLY B 173 -3.47 51.03 -47.79
C GLY B 173 -4.13 51.33 -46.47
N VAL B 174 -3.90 50.51 -45.44
CA VAL B 174 -4.49 50.70 -44.13
C VAL B 174 -3.40 50.53 -43.07
N SER B 175 -3.76 50.88 -41.83
CA SER B 175 -2.87 50.73 -40.69
C SER B 175 -3.32 49.62 -39.75
N GLU B 176 -4.13 48.69 -40.24
CA GLU B 176 -4.64 47.60 -39.41
C GLU B 176 -3.53 46.62 -39.07
N ILE B 177 -3.83 45.73 -38.13
CA ILE B 177 -2.91 44.70 -37.67
C ILE B 177 -3.52 43.35 -37.97
N ALA B 178 -2.76 42.50 -38.67
CA ALA B 178 -3.21 41.17 -39.05
C ALA B 178 -2.28 40.13 -38.46
N CYS B 179 -2.85 39.15 -37.78
CA CYS B 179 -2.09 38.08 -37.14
C CYS B 179 -2.44 36.75 -37.81
N ASP B 180 -1.40 36.01 -38.20
CA ASP B 180 -1.55 34.74 -38.90
C ASP B 180 -0.68 33.69 -38.23
N LEU B 181 -1.12 32.43 -38.30
CA LEU B 181 -0.48 31.32 -37.62
C LEU B 181 0.09 30.35 -38.64
N ALA B 182 1.32 29.92 -38.44
CA ALA B 182 1.99 28.96 -39.30
C ALA B 182 2.42 27.75 -38.48
N VAL B 183 2.48 26.60 -39.15
CA VAL B 183 2.86 25.34 -38.52
C VAL B 183 4.31 25.06 -38.90
N ASN B 184 5.22 25.28 -37.94
CA ASN B 184 6.63 25.02 -38.19
C ASN B 184 6.92 23.52 -38.25
N GLU B 185 6.37 22.77 -37.30
CA GLU B 185 6.54 21.32 -37.24
C GLU B 185 5.18 20.69 -36.99
N ASP B 186 4.85 19.66 -37.77
CA ASP B 186 3.53 19.06 -37.68
C ASP B 186 3.36 18.31 -36.37
N PRO B 187 2.15 18.30 -35.82
CA PRO B 187 1.90 17.54 -34.58
C PRO B 187 1.80 16.04 -34.86
N VAL B 188 1.72 15.29 -33.78
CA VAL B 188 1.58 13.84 -33.86
C VAL B 188 0.12 13.47 -33.63
N ASP B 189 -0.27 12.31 -34.13
CA ASP B 189 -1.62 11.80 -33.91
C ASP B 189 -1.72 11.27 -32.49
N SER B 190 -2.50 11.96 -31.65
CA SER B 190 -2.61 11.57 -30.25
C SER B 190 -3.42 10.29 -30.07
N ASN B 191 -4.44 10.08 -30.90
CA ASN B 191 -5.36 8.96 -30.75
C ASN B 191 -4.95 7.74 -31.56
N LEU B 192 -3.76 7.76 -32.15
CA LEU B 192 -3.28 6.58 -32.87
C LEU B 192 -3.15 5.34 -31.99
N PRO B 193 -2.58 5.41 -30.77
CA PRO B 193 -2.57 4.20 -29.93
C PRO B 193 -3.95 3.64 -29.64
N VAL B 194 -4.95 4.49 -29.45
CA VAL B 194 -6.31 4.00 -29.17
C VAL B 194 -6.88 3.27 -30.38
N SER B 195 -6.69 3.84 -31.57
CA SER B 195 -7.16 3.17 -32.79
C SER B 195 -6.45 1.83 -32.99
N ILE B 196 -5.14 1.80 -32.76
CA ILE B 196 -4.39 0.56 -32.91
C ILE B 196 -4.85 -0.48 -31.91
N ALA B 197 -5.10 -0.07 -30.66
CA ALA B 197 -5.57 -1.00 -29.64
C ALA B 197 -6.96 -1.55 -29.99
N PHE B 198 -7.85 -0.69 -30.48
CA PHE B 198 -9.17 -1.15 -30.89
C PHE B 198 -9.07 -2.14 -32.05
N LEU B 199 -8.22 -1.85 -33.03
CA LEU B 199 -8.03 -2.76 -34.16
C LEU B 199 -7.46 -4.09 -33.70
N ILE B 200 -6.48 -4.05 -32.79
CA ILE B 200 -5.89 -5.28 -32.28
C ILE B 200 -6.92 -6.11 -31.53
N GLY B 201 -7.75 -5.46 -30.71
CA GLY B 201 -8.80 -6.18 -30.00
C GLY B 201 -9.81 -6.81 -30.93
N LEU B 202 -10.24 -6.06 -31.96
CA LEU B 202 -11.18 -6.61 -32.92
C LEU B 202 -10.58 -7.79 -33.68
N ALA B 203 -9.31 -7.67 -34.07
CA ALA B 203 -8.64 -8.77 -34.77
C ALA B 203 -8.53 -10.00 -33.89
N VAL B 204 -8.19 -9.81 -32.61
CA VAL B 204 -8.10 -10.95 -31.69
C VAL B 204 -9.46 -11.60 -31.52
N ILE B 205 -10.51 -10.80 -31.37
CA ILE B 205 -11.86 -11.36 -31.21
C ILE B 205 -12.25 -12.17 -32.44
N ILE B 206 -11.99 -11.63 -33.64
CA ILE B 206 -12.34 -12.33 -34.87
C ILE B 206 -11.54 -13.62 -35.00
N VAL B 207 -10.25 -13.57 -34.68
CA VAL B 207 -9.40 -14.76 -34.77
C VAL B 207 -9.88 -15.84 -33.81
N ILE B 208 -10.23 -15.46 -32.58
CA ILE B 208 -10.72 -16.44 -31.61
C ILE B 208 -12.04 -17.04 -32.08
N SER B 209 -12.94 -16.20 -32.61
CA SER B 209 -14.22 -16.70 -33.09
C SER B 209 -14.04 -17.69 -34.23
N PHE B 210 -13.16 -17.36 -35.18
CA PHE B 210 -12.95 -18.26 -36.32
C PHE B 210 -12.25 -19.54 -35.89
N LEU B 211 -11.32 -19.45 -34.94
CA LEU B 211 -10.64 -20.65 -34.45
C LEU B 211 -11.61 -21.57 -33.73
N ARG B 212 -12.52 -21.01 -32.93
CA ARG B 212 -13.50 -21.87 -32.26
C ARG B 212 -14.55 -22.39 -33.24
N LEU B 213 -14.80 -21.65 -34.32
CA LEU B 213 -15.73 -22.16 -35.34
C LEU B 213 -15.12 -23.33 -36.10
N LEU B 214 -13.83 -23.25 -36.42
CA LEU B 214 -13.16 -24.37 -37.09
C LEU B 214 -13.11 -25.59 -36.18
N LEU B 215 -12.82 -25.38 -34.89
CA LEU B 215 -12.74 -26.48 -33.93
C LEU B 215 -14.10 -26.73 -33.28
N PRO B 265 -32.60 -20.62 -6.89
CA PRO B 265 -32.67 -19.89 -8.16
C PRO B 265 -31.30 -19.62 -8.77
N PRO B 266 -31.06 -20.12 -9.97
CA PRO B 266 -29.76 -19.89 -10.62
C PRO B 266 -29.50 -18.41 -10.85
N ARG B 267 -28.22 -18.06 -10.84
CA ARG B 267 -27.79 -16.69 -11.12
C ARG B 267 -28.09 -16.33 -12.57
N LEU B 268 -28.44 -15.07 -12.80
CA LEU B 268 -28.61 -14.55 -14.15
C LEU B 268 -27.24 -14.20 -14.71
N ARG B 269 -26.89 -14.79 -15.85
CA ARG B 269 -25.57 -14.58 -16.42
C ARG B 269 -25.43 -13.19 -17.06
N SER B 270 -26.53 -12.60 -17.51
CA SER B 270 -26.46 -11.28 -18.12
C SER B 270 -26.11 -10.21 -17.09
N VAL B 271 -26.63 -10.33 -15.87
CA VAL B 271 -26.28 -9.38 -14.82
C VAL B 271 -24.80 -9.49 -14.47
N ASP B 272 -24.27 -10.71 -14.40
CA ASP B 272 -22.84 -10.91 -14.16
C ASP B 272 -22.01 -10.33 -15.29
N THR B 273 -22.44 -10.52 -16.54
CA THR B 273 -21.72 -9.96 -17.68
C THR B 273 -21.71 -8.44 -17.63
N PHE B 274 -22.85 -7.83 -17.30
CA PHE B 274 -22.93 -6.38 -17.23
C PHE B 274 -22.04 -5.85 -16.11
N ARG B 275 -22.06 -6.51 -14.95
CA ARG B 275 -21.19 -6.11 -13.85
C ARG B 275 -19.72 -6.26 -14.22
N GLY B 276 -19.38 -7.33 -14.94
CA GLY B 276 -17.99 -7.51 -15.36
C GLY B 276 -17.53 -6.47 -16.36
N ILE B 277 -18.42 -6.08 -17.28
CA ILE B 277 -18.10 -4.99 -18.21
C ILE B 277 -17.83 -3.71 -17.44
N ALA B 278 -18.69 -3.42 -16.46
CA ALA B 278 -18.50 -2.22 -15.64
C ALA B 278 -17.18 -2.29 -14.87
N LEU B 279 -16.85 -3.46 -14.33
CA LEU B 279 -15.60 -3.62 -13.57
C LEU B 279 -14.37 -3.44 -14.46
N ILE B 280 -14.41 -4.00 -15.68
CA ILE B 280 -13.28 -3.84 -16.59
C ILE B 280 -13.09 -2.38 -16.96
N LEU B 281 -14.18 -1.68 -17.26
CA LEU B 281 -14.08 -0.26 -17.55
C LEU B 281 -13.57 0.52 -16.34
N MET B 282 -14.03 0.15 -15.14
CA MET B 282 -13.57 0.79 -13.91
C MET B 282 -12.08 0.64 -13.74
N VAL B 283 -11.56 -0.57 -13.90
CA VAL B 283 -10.15 -0.81 -13.68
C VAL B 283 -9.32 -0.09 -14.74
N PHE B 284 -9.80 -0.07 -15.98
CA PHE B 284 -9.07 0.63 -17.03
C PHE B 284 -8.98 2.13 -16.75
N VAL B 285 -10.09 2.74 -16.33
CA VAL B 285 -10.09 4.20 -16.20
C VAL B 285 -9.51 4.69 -14.87
N ASN B 286 -9.58 3.88 -13.81
CA ASN B 286 -8.99 4.30 -12.54
C ASN B 286 -7.47 4.23 -12.55
N TYR B 287 -6.90 3.38 -13.39
CA TYR B 287 -5.46 3.26 -13.49
C TYR B 287 -4.84 4.30 -14.40
N GLY B 288 -5.64 5.16 -15.00
CA GLY B 288 -5.15 6.23 -15.85
C GLY B 288 -5.92 6.39 -17.13
N GLY B 289 -6.39 5.28 -17.69
CA GLY B 289 -7.10 5.33 -18.96
C GLY B 289 -6.28 5.82 -20.11
N GLY B 290 -4.98 5.54 -20.11
CA GLY B 290 -4.11 6.02 -21.17
C GLY B 290 -3.78 7.48 -21.11
N LYS B 291 -4.20 8.18 -20.05
CA LYS B 291 -4.06 9.62 -19.88
C LYS B 291 -4.84 10.40 -20.94
N TYR B 292 -5.86 9.79 -21.53
CA TYR B 292 -6.69 10.44 -22.53
C TYR B 292 -7.85 11.16 -21.84
N TRP B 293 -8.21 12.32 -22.36
CA TRP B 293 -9.21 13.15 -21.68
C TRP B 293 -10.59 12.53 -21.72
N TYR B 294 -10.89 11.71 -22.73
CA TYR B 294 -12.19 11.07 -22.82
C TYR B 294 -12.28 9.79 -22.01
N PHE B 295 -11.18 9.34 -21.42
CA PHE B 295 -11.19 8.26 -20.45
C PHE B 295 -11.05 8.77 -19.02
N LYS B 296 -11.19 10.08 -18.84
CA LYS B 296 -11.21 10.71 -17.53
C LYS B 296 -12.60 11.24 -17.25
N HIS B 297 -12.82 11.68 -16.02
CA HIS B 297 -14.10 12.28 -15.67
C HIS B 297 -14.24 13.65 -16.33
N ALA B 298 -15.47 13.99 -16.69
CA ALA B 298 -15.73 15.34 -17.20
C ALA B 298 -15.46 16.36 -16.10
N SER B 299 -15.04 17.55 -16.51
CA SER B 299 -14.69 18.58 -15.54
C SER B 299 -15.90 18.95 -14.70
N TRP B 300 -16.91 19.57 -15.32
CA TRP B 300 -18.18 19.77 -14.65
C TRP B 300 -19.34 19.07 -15.34
N ASN B 301 -19.61 19.41 -16.61
CA ASN B 301 -20.81 18.96 -17.29
C ASN B 301 -20.45 18.04 -18.46
N GLY B 302 -21.37 17.16 -18.79
CA GLY B 302 -21.19 16.24 -19.89
C GLY B 302 -20.90 14.84 -19.43
N LEU B 303 -20.57 13.99 -20.40
CA LEU B 303 -20.32 12.58 -20.16
C LEU B 303 -19.02 12.17 -20.83
N THR B 304 -18.25 11.32 -20.14
CA THR B 304 -17.16 10.60 -20.77
C THR B 304 -17.30 9.12 -20.46
N VAL B 305 -16.33 8.31 -20.88
CA VAL B 305 -16.38 6.88 -20.60
C VAL B 305 -16.23 6.62 -19.10
N ALA B 306 -15.43 7.43 -18.41
CA ALA B 306 -15.20 7.22 -16.99
C ALA B 306 -16.43 7.50 -16.14
N ASP B 307 -17.39 8.27 -16.66
CA ASP B 307 -18.57 8.67 -15.89
C ASP B 307 -19.72 7.68 -16.01
N LEU B 308 -19.48 6.50 -16.58
CA LEU B 308 -20.55 5.56 -16.87
C LEU B 308 -20.69 4.45 -15.83
N VAL B 309 -19.62 4.09 -15.13
CA VAL B 309 -19.60 2.80 -14.45
C VAL B 309 -20.29 2.87 -13.08
N PHE B 310 -20.15 3.97 -12.35
CA PHE B 310 -20.72 4.05 -11.01
C PHE B 310 -22.25 3.97 -11.03
N PRO B 311 -22.98 4.71 -11.86
CA PRO B 311 -24.44 4.50 -11.93
C PRO B 311 -24.82 3.10 -12.35
N TRP B 312 -24.05 2.47 -13.23
CA TRP B 312 -24.33 1.09 -13.62
C TRP B 312 -24.16 0.16 -12.43
N PHE B 313 -23.14 0.39 -11.60
CA PHE B 313 -22.97 -0.41 -10.40
C PHE B 313 -24.13 -0.24 -9.44
N VAL B 314 -24.63 0.99 -9.30
CA VAL B 314 -25.80 1.21 -8.43
C VAL B 314 -27.03 0.50 -8.99
N PHE B 315 -27.23 0.58 -10.31
CA PHE B 315 -28.34 -0.10 -10.97
C PHE B 315 -28.28 -1.61 -10.74
N ILE B 316 -27.11 -2.21 -10.97
CA ILE B 316 -26.94 -3.64 -10.79
C ILE B 316 -27.12 -4.02 -9.33
N MET B 317 -26.67 -3.16 -8.41
CA MET B 317 -26.86 -3.42 -6.99
C MET B 317 -28.33 -3.48 -6.62
N GLY B 318 -29.14 -2.56 -7.17
CA GLY B 318 -30.57 -2.62 -6.92
C GLY B 318 -31.21 -3.87 -7.49
N SER B 319 -30.82 -4.25 -8.71
CA SER B 319 -31.36 -5.48 -9.30
C SER B 319 -31.02 -6.69 -8.44
N SER B 320 -29.77 -6.78 -7.99
CA SER B 320 -29.35 -7.87 -7.13
C SER B 320 -30.08 -7.84 -5.79
N ILE B 321 -30.36 -6.64 -5.28
CA ILE B 321 -31.14 -6.51 -4.05
C ILE B 321 -32.46 -7.21 -4.21
N PHE B 322 -33.19 -6.88 -5.29
CA PHE B 322 -34.50 -7.50 -5.47
C PHE B 322 -34.39 -9.01 -5.67
N LEU B 323 -33.44 -9.45 -6.51
CA LEU B 323 -33.32 -10.88 -6.81
C LEU B 323 -33.03 -11.67 -5.54
N SER B 324 -31.98 -11.28 -4.80
CA SER B 324 -31.60 -12.01 -3.60
C SER B 324 -32.69 -11.94 -2.53
N MET B 325 -33.33 -10.79 -2.37
CA MET B 325 -34.37 -10.69 -1.35
C MET B 325 -35.56 -11.58 -1.68
N THR B 326 -35.97 -11.63 -2.96
CA THR B 326 -37.06 -12.50 -3.35
C THR B 326 -36.71 -13.96 -3.11
N SER B 327 -35.49 -14.36 -3.51
CA SER B 327 -35.09 -15.75 -3.31
C SER B 327 -35.04 -16.10 -1.83
N ILE B 328 -34.54 -15.19 -1.00
CA ILE B 328 -34.42 -15.46 0.43
C ILE B 328 -35.80 -15.56 1.08
N LEU B 329 -36.68 -14.60 0.79
CA LEU B 329 -37.99 -14.60 1.43
C LEU B 329 -38.87 -15.73 0.93
N GLN B 330 -38.62 -16.23 -0.29
CA GLN B 330 -39.38 -17.37 -0.78
C GLN B 330 -39.10 -18.62 0.03
N ARG B 331 -37.84 -18.85 0.39
CA ARG B 331 -37.47 -20.08 1.08
C ARG B 331 -38.06 -20.14 2.49
N GLY B 332 -38.23 -19.01 3.15
CA GLY B 332 -38.88 -19.00 4.45
C GLY B 332 -38.16 -18.22 5.52
N CYS B 333 -37.13 -17.47 5.15
CA CYS B 333 -36.40 -16.67 6.11
C CYS B 333 -37.27 -15.54 6.65
N SER B 334 -37.06 -15.20 7.92
CA SER B 334 -37.80 -14.14 8.55
C SER B 334 -37.24 -12.77 8.14
N LYS B 335 -38.05 -11.74 8.32
CA LYS B 335 -37.66 -10.39 7.89
C LYS B 335 -36.66 -9.76 8.85
N PHE B 336 -36.65 -10.15 10.12
CA PHE B 336 -35.71 -9.57 11.07
C PHE B 336 -34.29 -10.04 10.82
N ARG B 337 -34.12 -11.33 10.50
CA ARG B 337 -32.81 -11.84 10.13
C ARG B 337 -32.29 -11.16 8.87
N LEU B 338 -33.17 -10.97 7.89
CA LEU B 338 -32.79 -10.26 6.67
C LEU B 338 -32.42 -8.81 6.96
N LEU B 339 -33.15 -8.16 7.87
CA LEU B 339 -32.80 -6.80 8.26
C LEU B 339 -31.43 -6.74 8.92
N GLY B 340 -31.13 -7.72 9.78
CA GLY B 340 -29.81 -7.78 10.38
C GLY B 340 -28.71 -7.98 9.35
N LYS B 341 -28.96 -8.84 8.37
CA LYS B 341 -27.99 -9.04 7.29
C LYS B 341 -27.78 -7.76 6.49
N ILE B 342 -28.86 -7.04 6.20
CA ILE B 342 -28.76 -5.78 5.47
C ILE B 342 -27.93 -4.77 6.24
N ALA B 343 -28.20 -4.64 7.53
CA ALA B 343 -27.46 -3.70 8.36
C ALA B 343 -25.98 -4.07 8.44
N TRP B 344 -25.68 -5.35 8.57
CA TRP B 344 -24.28 -5.78 8.63
C TRP B 344 -23.56 -5.48 7.33
N ARG B 345 -24.21 -5.76 6.19
CA ARG B 345 -23.58 -5.48 4.89
C ARG B 345 -23.35 -4.00 4.70
N SER B 346 -24.32 -3.16 5.06
CA SER B 346 -24.15 -1.72 4.92
C SER B 346 -23.03 -1.20 5.81
N PHE B 347 -22.97 -1.68 7.06
CA PHE B 347 -21.90 -1.26 7.96
C PHE B 347 -20.54 -1.67 7.41
N LEU B 348 -20.41 -2.90 6.90
CA LEU B 348 -19.15 -3.34 6.34
C LEU B 348 -18.74 -2.49 5.15
N LEU B 349 -19.69 -2.18 4.25
CA LEU B 349 -19.37 -1.37 3.08
C LEU B 349 -18.88 0.01 3.49
N ILE B 350 -19.60 0.66 4.41
CA ILE B 350 -19.21 2.01 4.82
C ILE B 350 -17.85 2.01 5.51
N CYS B 351 -17.60 1.03 6.39
CA CYS B 351 -16.33 0.98 7.10
C CYS B 351 -15.17 0.71 6.14
N ILE B 352 -15.36 -0.21 5.19
CA ILE B 352 -14.29 -0.50 4.24
C ILE B 352 -14.01 0.71 3.36
N GLY B 353 -15.06 1.44 2.98
CA GLY B 353 -14.85 2.66 2.20
C GLY B 353 -14.07 3.70 2.97
N ILE B 354 -14.45 3.94 4.23
CA ILE B 354 -13.83 5.03 5.00
C ILE B 354 -12.39 4.68 5.35
N ILE B 355 -12.15 3.46 5.81
CA ILE B 355 -10.87 3.14 6.44
C ILE B 355 -9.83 2.62 5.45
N ILE B 356 -10.25 1.89 4.42
CA ILE B 356 -9.33 1.17 3.53
C ILE B 356 -9.18 1.89 2.19
N VAL B 357 -10.28 2.25 1.55
CA VAL B 357 -10.22 2.75 0.18
C VAL B 357 -9.88 4.24 0.13
N ASN B 358 -10.54 5.03 0.97
CA ASN B 358 -10.39 6.49 0.88
C ASN B 358 -8.97 6.98 1.16
N PRO B 359 -8.30 6.60 2.25
CA PRO B 359 -7.03 7.26 2.59
C PRO B 359 -5.92 6.93 1.61
N ASN B 360 -5.00 7.87 1.47
CA ASN B 360 -3.75 7.66 0.73
C ASN B 360 -2.65 7.48 1.78
N TYR B 361 -2.42 6.21 2.15
CA TYR B 361 -1.48 5.90 3.21
C TYR B 361 -0.03 6.10 2.78
N CYS B 362 0.23 6.34 1.50
CA CYS B 362 1.58 6.69 1.07
C CYS B 362 2.00 8.05 1.61
N LEU B 363 1.03 8.93 1.87
CA LEU B 363 1.34 10.26 2.39
C LEU B 363 1.75 10.22 3.87
N GLY B 364 1.04 9.43 4.68
CA GLY B 364 1.36 9.32 6.08
C GLY B 364 0.29 8.61 6.88
N PRO B 365 0.49 8.50 8.19
CA PRO B 365 -0.48 7.84 9.04
C PRO B 365 -1.79 8.62 9.11
N LEU B 366 -2.87 7.89 9.37
CA LEU B 366 -4.20 8.48 9.35
C LEU B 366 -4.38 9.45 10.50
N SER B 367 -4.83 10.66 10.18
CA SER B 367 -5.18 11.69 11.16
C SER B 367 -6.64 12.07 10.94
N TRP B 368 -7.38 12.23 12.04
CA TRP B 368 -8.81 12.50 11.92
C TRP B 368 -9.09 13.79 11.18
N ASP B 369 -8.23 14.80 11.35
CA ASP B 369 -8.47 16.10 10.73
C ASP B 369 -8.49 16.04 9.21
N LYS B 370 -7.86 15.03 8.62
CA LYS B 370 -7.76 14.89 7.17
C LYS B 370 -8.38 13.59 6.68
N VAL B 371 -9.45 13.16 7.34
CA VAL B 371 -10.17 11.94 6.96
C VAL B 371 -11.33 12.33 6.06
N ARG B 372 -11.42 11.71 4.89
CA ARG B 372 -12.53 11.92 3.98
C ARG B 372 -13.64 10.95 4.32
N ILE B 373 -14.79 11.49 4.74
CA ILE B 373 -15.94 10.68 5.15
C ILE B 373 -16.71 10.16 3.95
N PRO B 374 -17.07 10.98 2.96
CA PRO B 374 -17.81 10.45 1.81
C PRO B 374 -16.92 9.61 0.90
N GLY B 375 -17.55 8.85 0.02
CA GLY B 375 -16.83 8.00 -0.88
C GLY B 375 -17.76 7.04 -1.61
N VAL B 376 -17.14 6.23 -2.48
CA VAL B 376 -17.90 5.32 -3.33
C VAL B 376 -18.61 4.26 -2.49
N LEU B 377 -17.86 3.57 -1.62
CA LEU B 377 -18.44 2.47 -0.87
C LEU B 377 -19.38 2.97 0.22
N GLN B 378 -19.14 4.16 0.77
CA GLN B 378 -20.09 4.75 1.70
C GLN B 378 -21.42 5.05 1.01
N ARG B 379 -21.37 5.61 -0.19
CA ARG B 379 -22.58 5.84 -0.97
C ARG B 379 -23.30 4.54 -1.26
N LEU B 380 -22.54 3.50 -1.65
CA LEU B 380 -23.16 2.21 -1.92
C LEU B 380 -23.81 1.63 -0.67
N GLY B 381 -23.14 1.76 0.49
CA GLY B 381 -23.71 1.24 1.72
C GLY B 381 -25.00 1.94 2.11
N VAL B 382 -25.01 3.27 2.05
CA VAL B 382 -26.21 4.01 2.40
C VAL B 382 -27.35 3.71 1.44
N THR B 383 -27.04 3.70 0.13
CA THR B 383 -28.07 3.40 -0.86
C THR B 383 -28.61 1.99 -0.69
N TYR B 384 -27.72 1.02 -0.47
CA TYR B 384 -28.16 -0.36 -0.26
C TYR B 384 -29.04 -0.47 0.96
N PHE B 385 -28.65 0.18 2.07
CA PHE B 385 -29.48 0.11 3.27
C PHE B 385 -30.87 0.68 3.01
N VAL B 386 -30.94 1.87 2.44
CA VAL B 386 -32.24 2.52 2.25
C VAL B 386 -33.12 1.68 1.30
N VAL B 387 -32.56 1.29 0.15
CA VAL B 387 -33.36 0.57 -0.84
C VAL B 387 -33.76 -0.81 -0.34
N ALA B 388 -32.85 -1.53 0.31
CA ALA B 388 -33.17 -2.85 0.81
C ALA B 388 -34.20 -2.80 1.93
N VAL B 389 -34.09 -1.84 2.83
CA VAL B 389 -35.10 -1.71 3.88
C VAL B 389 -36.45 -1.35 3.28
N LEU B 390 -36.46 -0.48 2.28
CA LEU B 390 -37.71 -0.13 1.61
C LEU B 390 -38.34 -1.33 0.93
N GLU B 391 -37.53 -2.17 0.28
CA GLU B 391 -38.06 -3.35 -0.39
C GLU B 391 -38.53 -4.39 0.60
N LEU B 392 -37.80 -4.57 1.71
CA LEU B 392 -38.20 -5.54 2.73
C LEU B 392 -39.48 -5.12 3.42
N LEU B 393 -39.66 -3.81 3.66
CA LEU B 393 -40.84 -3.34 4.35
C LEU B 393 -42.11 -3.62 3.56
N PHE B 394 -42.06 -3.45 2.24
CA PHE B 394 -43.22 -3.66 1.37
C PHE B 394 -43.04 -4.86 0.45
N ALA B 395 -42.36 -5.90 0.93
CA ALA B 395 -42.14 -7.09 0.11
C ALA B 395 -43.44 -7.86 -0.10
N LYS B 396 -43.63 -8.33 -1.33
CA LYS B 396 -44.78 -9.14 -1.70
C LYS B 396 -44.33 -10.34 -2.49
N PRO B 397 -45.07 -11.45 -2.42
CA PRO B 397 -44.73 -12.61 -3.24
C PRO B 397 -44.93 -12.33 -4.72
N VAL B 398 -44.11 -12.98 -5.54
CA VAL B 398 -44.20 -12.83 -6.99
C VAL B 398 -45.27 -13.78 -7.52
N PRO B 399 -46.36 -13.27 -8.08
CA PRO B 399 -47.39 -14.16 -8.62
C PRO B 399 -46.95 -14.80 -9.93
N GLU B 400 -47.59 -15.91 -10.25
CA GLU B 400 -47.26 -16.66 -11.46
C GLU B 400 -48.29 -16.42 -12.56
N CYS B 408 -48.99 -9.70 -20.62
CA CYS B 408 -48.77 -8.92 -21.83
C CYS B 408 -49.06 -7.45 -21.59
N LEU B 409 -50.31 -7.16 -21.21
CA LEU B 409 -50.75 -5.80 -20.91
C LEU B 409 -50.75 -5.52 -19.42
N SER B 410 -50.22 -6.42 -18.60
CA SER B 410 -50.28 -6.28 -17.15
C SER B 410 -49.32 -5.21 -16.67
N LEU B 411 -49.68 -4.57 -15.55
CA LEU B 411 -48.85 -3.60 -14.87
C LEU B 411 -48.61 -4.02 -13.42
N ARG B 412 -48.53 -5.33 -13.18
CA ARG B 412 -48.48 -5.86 -11.83
C ARG B 412 -47.11 -5.72 -11.16
N ASP B 413 -46.06 -5.39 -11.92
CA ASP B 413 -44.77 -5.12 -11.29
C ASP B 413 -44.64 -3.69 -10.81
N ILE B 414 -45.49 -2.79 -11.30
CA ILE B 414 -45.46 -1.39 -10.88
C ILE B 414 -46.56 -1.07 -9.88
N THR B 415 -47.76 -1.59 -10.10
CA THR B 415 -48.88 -1.32 -9.20
C THR B 415 -48.63 -1.90 -7.82
N SER B 416 -48.04 -3.09 -7.76
CA SER B 416 -47.83 -3.77 -6.48
C SER B 416 -46.80 -3.07 -5.60
N SER B 417 -46.05 -2.12 -6.12
CA SER B 417 -45.03 -1.40 -5.36
C SER B 417 -45.27 0.10 -5.39
N TRP B 418 -46.52 0.51 -5.18
CA TRP B 418 -46.85 1.93 -5.21
C TRP B 418 -46.36 2.71 -3.99
N PRO B 419 -46.28 2.13 -2.77
CA PRO B 419 -45.67 2.90 -1.68
C PRO B 419 -44.21 3.22 -1.93
N GLN B 420 -43.45 2.29 -2.49
CA GLN B 420 -42.06 2.55 -2.83
C GLN B 420 -41.95 3.66 -3.86
N TRP B 421 -42.81 3.63 -4.89
CA TRP B 421 -42.80 4.69 -5.90
C TRP B 421 -43.15 6.04 -5.30
N LEU B 422 -44.15 6.08 -4.41
CA LEU B 422 -44.52 7.34 -3.78
C LEU B 422 -43.38 7.91 -2.96
N LEU B 423 -42.71 7.06 -2.18
CA LEU B 423 -41.58 7.55 -1.39
C LEU B 423 -40.42 7.99 -2.29
N ILE B 424 -40.20 7.29 -3.41
CA ILE B 424 -39.13 7.68 -4.32
C ILE B 424 -39.42 9.04 -4.94
N LEU B 425 -40.67 9.28 -5.35
CA LEU B 425 -41.01 10.58 -5.89
C LEU B 425 -40.93 11.68 -4.84
N VAL B 426 -41.28 11.37 -3.58
CA VAL B 426 -41.10 12.35 -2.51
C VAL B 426 -39.63 12.70 -2.34
N LEU B 427 -38.75 11.69 -2.36
CA LEU B 427 -37.33 11.95 -2.25
C LEU B 427 -36.81 12.78 -3.43
N GLU B 428 -37.29 12.48 -4.63
CA GLU B 428 -36.87 13.25 -5.80
C GLU B 428 -37.34 14.70 -5.70
N GLY B 429 -38.56 14.91 -5.21
CA GLY B 429 -39.03 16.26 -4.98
C GLY B 429 -38.18 16.99 -3.95
N LEU B 430 -37.75 16.27 -2.91
CA LEU B 430 -36.85 16.88 -1.91
C LEU B 430 -35.53 17.28 -2.55
N TRP B 431 -34.97 16.41 -3.40
CA TRP B 431 -33.71 16.75 -4.08
C TRP B 431 -33.88 17.98 -4.96
N LEU B 432 -34.96 18.03 -5.74
CA LEU B 432 -35.19 19.18 -6.60
C LEU B 432 -35.37 20.45 -5.80
N GLY B 433 -36.14 20.39 -4.71
CA GLY B 433 -36.35 21.57 -3.90
C GLY B 433 -35.08 22.08 -3.25
N LEU B 434 -34.28 21.17 -2.67
CA LEU B 434 -33.02 21.58 -2.09
C LEU B 434 -32.04 22.11 -3.13
N THR B 435 -32.09 21.56 -4.34
CA THR B 435 -31.15 22.01 -5.38
C THR B 435 -31.53 23.38 -5.93
N PHE B 436 -32.82 23.61 -6.18
CA PHE B 436 -33.23 24.81 -6.91
C PHE B 436 -33.80 25.91 -6.02
N LEU B 437 -33.99 25.66 -4.72
CA LEU B 437 -34.66 26.63 -3.87
C LEU B 437 -33.94 26.94 -2.57
N LEU B 438 -33.06 26.08 -2.09
CA LEU B 438 -32.37 26.36 -0.84
C LEU B 438 -31.40 27.53 -1.03
N PRO B 439 -31.47 28.57 -0.20
CA PRO B 439 -30.55 29.70 -0.34
C PRO B 439 -29.19 29.38 0.25
N VAL B 440 -28.14 29.73 -0.48
CA VAL B 440 -26.76 29.53 -0.06
C VAL B 440 -26.15 30.90 0.21
N PRO B 441 -25.56 31.12 1.39
CA PRO B 441 -25.04 32.46 1.71
C PRO B 441 -23.93 32.87 0.75
N GLY B 442 -24.00 34.11 0.28
CA GLY B 442 -23.03 34.60 -0.68
C GLY B 442 -23.00 33.81 -1.97
N CYS B 443 -24.17 33.36 -2.43
CA CYS B 443 -24.24 32.48 -3.59
C CYS B 443 -25.64 32.54 -4.17
N PRO B 444 -25.81 32.47 -5.49
CA PRO B 444 -27.16 32.49 -6.05
C PRO B 444 -27.94 31.24 -5.71
N THR B 445 -29.27 31.39 -5.69
CA THR B 445 -30.15 30.25 -5.45
C THR B 445 -30.32 29.44 -6.73
N GLY B 446 -30.29 28.13 -6.59
CA GLY B 446 -30.40 27.26 -7.74
C GLY B 446 -29.18 27.23 -8.62
N TYR B 447 -28.01 27.58 -8.08
CA TYR B 447 -26.78 27.59 -8.85
C TYR B 447 -26.33 26.16 -9.15
N LEU B 448 -25.95 25.91 -10.40
CA LEU B 448 -25.54 24.58 -10.84
C LEU B 448 -24.18 24.58 -11.52
N GLY B 449 -23.44 25.68 -11.46
CA GLY B 449 -22.16 25.78 -12.12
C GLY B 449 -21.01 25.29 -11.27
N PRO B 450 -19.79 25.37 -11.80
CA PRO B 450 -18.62 24.87 -11.08
C PRO B 450 -17.87 25.90 -10.26
N GLY B 451 -18.21 27.18 -10.35
CA GLY B 451 -17.41 28.17 -9.68
C GLY B 451 -16.06 28.36 -10.36
N GLY B 452 -15.10 28.82 -9.57
CA GLY B 452 -13.79 29.10 -10.12
C GLY B 452 -13.84 30.22 -11.13
N ILE B 453 -13.16 30.02 -12.28
CA ILE B 453 -13.24 30.96 -13.38
C ILE B 453 -14.45 30.72 -14.26
N GLY B 454 -15.26 29.70 -13.97
CA GLY B 454 -16.46 29.47 -14.73
C GLY B 454 -17.54 30.49 -14.41
N ASP B 455 -18.51 30.57 -15.33
CA ASP B 455 -19.58 31.56 -15.25
C ASP B 455 -19.02 32.97 -15.14
N PHE B 456 -17.97 33.24 -15.93
CA PHE B 456 -17.30 34.54 -15.98
C PHE B 456 -16.69 34.92 -14.63
N GLY B 457 -16.34 33.92 -13.82
CA GLY B 457 -15.63 34.15 -12.58
C GLY B 457 -16.38 34.99 -11.57
N LYS B 458 -17.71 34.97 -11.60
CA LYS B 458 -18.50 35.78 -10.69
C LYS B 458 -18.75 35.10 -9.35
N TYR B 459 -18.68 33.78 -9.28
CA TYR B 459 -18.93 33.02 -8.06
C TYR B 459 -17.81 32.01 -7.87
N PRO B 460 -16.61 32.47 -7.55
CA PRO B 460 -15.47 31.54 -7.48
C PRO B 460 -15.60 30.45 -6.42
N ASN B 461 -16.26 30.74 -5.30
CA ASN B 461 -16.34 29.80 -4.19
C ASN B 461 -17.68 29.08 -4.12
N CYS B 462 -18.42 29.06 -5.24
CA CYS B 462 -19.75 28.45 -5.29
C CYS B 462 -19.76 27.12 -6.01
N THR B 463 -18.68 26.35 -5.92
CA THR B 463 -18.61 25.06 -6.60
C THR B 463 -19.63 24.11 -6.00
N GLY B 464 -20.59 23.67 -6.81
CA GLY B 464 -21.58 22.71 -6.39
C GLY B 464 -22.90 23.29 -5.94
N GLY B 465 -22.96 24.59 -5.68
CA GLY B 465 -24.20 25.20 -5.24
C GLY B 465 -24.69 24.71 -3.89
N ALA B 466 -25.92 24.20 -3.86
CA ALA B 466 -26.50 23.76 -2.59
C ALA B 466 -25.89 22.45 -2.10
N ALA B 467 -25.50 21.56 -3.01
CA ALA B 467 -24.90 20.30 -2.58
C ALA B 467 -23.57 20.52 -1.87
N GLY B 468 -22.70 21.35 -2.46
CA GLY B 468 -21.45 21.67 -1.82
C GLY B 468 -21.63 22.43 -0.52
N TYR B 469 -22.63 23.31 -0.48
CA TYR B 469 -22.92 24.04 0.75
C TYR B 469 -23.35 23.10 1.87
N ILE B 470 -24.20 22.13 1.55
CA ILE B 470 -24.64 21.15 2.54
C ILE B 470 -23.46 20.31 3.01
N ASP B 471 -22.60 19.88 2.07
CA ASP B 471 -21.43 19.10 2.45
C ASP B 471 -20.51 19.88 3.38
N ARG B 472 -20.25 21.15 3.05
CA ARG B 472 -19.35 21.97 3.87
C ARG B 472 -19.98 22.28 5.23
N LEU B 473 -21.30 22.45 5.28
CA LEU B 473 -21.96 22.75 6.55
C LEU B 473 -21.98 21.53 7.47
N LEU B 474 -22.31 20.37 6.93
CA LEU B 474 -22.53 19.20 7.77
C LEU B 474 -21.23 18.46 8.09
N LEU B 475 -20.28 18.42 7.16
CA LEU B 475 -19.05 17.67 7.35
C LEU B 475 -17.81 18.54 7.46
N GLY B 476 -17.80 19.70 6.84
CA GLY B 476 -16.61 20.54 6.86
C GLY B 476 -15.72 20.29 5.66
N ASP B 477 -14.95 21.32 5.29
CA ASP B 477 -14.09 21.23 4.12
C ASP B 477 -12.99 20.19 4.29
N ASP B 478 -12.49 20.01 5.52
CA ASP B 478 -11.39 19.09 5.76
C ASP B 478 -11.78 17.64 5.54
N HIS B 479 -13.08 17.32 5.54
CA HIS B 479 -13.55 15.95 5.40
C HIS B 479 -14.17 15.68 4.05
N LEU B 480 -13.93 16.54 3.07
CA LEU B 480 -14.46 16.38 1.72
C LEU B 480 -13.33 16.02 0.76
N TYR B 481 -13.70 15.81 -0.50
CA TYR B 481 -12.72 15.53 -1.54
C TYR B 481 -11.93 16.79 -1.87
N GLN B 482 -10.61 16.70 -1.82
CA GLN B 482 -9.76 17.86 -2.01
C GLN B 482 -9.38 18.09 -3.47
N HIS B 483 -9.69 17.18 -4.36
CA HIS B 483 -9.28 17.26 -5.76
C HIS B 483 -10.46 17.01 -6.70
N PRO B 484 -11.43 17.92 -6.73
CA PRO B 484 -12.56 17.74 -7.65
C PRO B 484 -12.12 17.87 -9.10
N SER B 485 -12.91 17.24 -9.98
CA SER B 485 -12.56 17.20 -11.40
C SER B 485 -12.58 18.57 -12.05
N SER B 486 -13.30 19.54 -11.47
CA SER B 486 -13.38 20.87 -12.03
C SER B 486 -12.15 21.73 -11.72
N ALA B 487 -11.24 21.23 -10.89
CA ALA B 487 -10.09 22.02 -10.46
C ALA B 487 -9.12 22.31 -11.60
N VAL B 488 -9.15 21.55 -12.67
CA VAL B 488 -8.18 21.73 -13.75
C VAL B 488 -8.72 22.68 -14.82
N LEU B 489 -9.99 22.55 -15.20
CA LEU B 489 -10.53 23.37 -16.28
C LEU B 489 -11.05 24.71 -15.74
N TYR B 490 -11.69 24.70 -14.58
CA TYR B 490 -12.28 25.90 -14.01
C TYR B 490 -11.47 26.48 -12.87
N HIS B 491 -10.37 25.83 -12.49
CA HIS B 491 -9.45 26.35 -11.48
C HIS B 491 -10.15 26.64 -10.16
N THR B 492 -11.04 25.75 -9.75
CA THR B 492 -11.71 25.89 -8.47
C THR B 492 -10.74 25.65 -7.33
N GLU B 493 -10.96 26.35 -6.21
CA GLU B 493 -10.08 26.25 -5.06
C GLU B 493 -10.74 25.65 -3.83
N VAL B 494 -12.08 25.59 -3.78
CA VAL B 494 -12.79 25.00 -2.64
C VAL B 494 -12.82 23.48 -2.79
N ALA B 495 -13.20 22.79 -1.73
CA ALA B 495 -13.29 21.34 -1.75
C ALA B 495 -14.73 20.93 -2.06
N TYR B 496 -14.88 20.03 -3.03
CA TYR B 496 -16.17 19.47 -3.38
C TYR B 496 -16.06 17.96 -3.45
N ASP B 497 -17.03 17.26 -2.86
CA ASP B 497 -17.05 15.82 -2.86
C ASP B 497 -18.12 15.32 -3.81
N PRO B 498 -17.76 14.60 -4.88
CA PRO B 498 -18.79 14.07 -5.79
C PRO B 498 -19.75 13.11 -5.12
N GLU B 499 -19.32 12.40 -4.09
CA GLU B 499 -20.20 11.52 -3.32
C GLU B 499 -20.72 12.22 -2.08
N GLY B 500 -21.36 13.36 -2.30
CA GLY B 500 -21.87 14.18 -1.22
C GLY B 500 -23.17 13.64 -0.63
N ILE B 501 -23.78 14.47 0.20
CA ILE B 501 -24.99 14.08 0.91
C ILE B 501 -26.24 14.24 0.06
N LEU B 502 -26.30 15.28 -0.77
CA LEU B 502 -27.52 15.53 -1.55
C LEU B 502 -27.69 14.53 -2.68
N GLY B 503 -26.60 14.07 -3.28
CA GLY B 503 -26.69 13.13 -4.39
C GLY B 503 -27.04 11.71 -4.00
N THR B 504 -27.09 11.43 -2.70
CA THR B 504 -27.52 10.11 -2.25
C THR B 504 -28.97 9.85 -2.62
N ILE B 505 -29.78 10.91 -2.71
CA ILE B 505 -31.17 10.77 -3.14
C ILE B 505 -31.22 10.20 -4.56
N ASN B 506 -30.41 10.75 -5.46
CA ASN B 506 -30.41 10.26 -6.84
C ASN B 506 -29.73 8.91 -6.96
N SER B 507 -28.76 8.61 -6.08
CA SER B 507 -28.24 7.25 -6.02
C SER B 507 -29.34 6.26 -5.64
N ILE B 508 -30.19 6.64 -4.68
CA ILE B 508 -31.32 5.79 -4.29
C ILE B 508 -32.28 5.63 -5.46
N VAL B 509 -32.50 6.71 -6.22
CA VAL B 509 -33.39 6.63 -7.38
C VAL B 509 -32.84 5.65 -8.42
N MET B 510 -31.53 5.70 -8.68
CA MET B 510 -30.91 4.77 -9.62
C MET B 510 -31.02 3.33 -9.13
N ALA B 511 -30.80 3.12 -7.82
CA ALA B 511 -30.93 1.77 -7.27
C ALA B 511 -32.37 1.27 -7.34
N PHE B 512 -33.35 2.16 -7.19
CA PHE B 512 -34.73 1.73 -7.32
C PHE B 512 -35.09 1.42 -8.76
N LEU B 513 -34.47 2.10 -9.73
CA LEU B 513 -34.66 1.72 -11.12
C LEU B 513 -34.05 0.35 -11.39
N GLY B 514 -32.90 0.05 -10.79
CA GLY B 514 -32.36 -1.30 -10.85
C GLY B 514 -33.29 -2.32 -10.24
N VAL B 515 -33.94 -1.95 -9.13
CA VAL B 515 -34.93 -2.82 -8.50
C VAL B 515 -36.09 -3.08 -9.46
N GLN B 516 -36.52 -2.05 -10.19
CA GLN B 516 -37.58 -2.23 -11.17
C GLN B 516 -37.14 -3.17 -12.30
N ALA B 517 -35.88 -3.07 -12.72
CA ALA B 517 -35.36 -4.02 -13.71
C ALA B 517 -35.43 -5.45 -13.18
N GLY B 518 -35.01 -5.66 -11.94
CA GLY B 518 -35.11 -6.99 -11.35
C GLY B 518 -36.54 -7.48 -11.23
N LYS B 519 -37.46 -6.56 -10.92
CA LYS B 519 -38.88 -6.91 -10.85
C LYS B 519 -39.40 -7.34 -12.21
N ILE B 520 -39.01 -6.65 -13.28
CA ILE B 520 -39.39 -7.06 -14.63
C ILE B 520 -38.83 -8.45 -14.92
N LEU B 521 -37.58 -8.68 -14.54
CA LEU B 521 -36.95 -9.97 -14.82
C LEU B 521 -37.68 -11.11 -14.11
N LEU B 522 -38.06 -10.92 -12.85
CA LEU B 522 -38.65 -12.01 -12.08
C LEU B 522 -40.14 -12.16 -12.28
N TYR B 523 -40.88 -11.08 -12.52
CA TYR B 523 -42.33 -11.17 -12.65
C TYR B 523 -42.73 -11.89 -13.93
N TYR B 524 -42.01 -11.64 -15.02
CA TYR B 524 -42.34 -12.18 -16.33
C TYR B 524 -41.23 -13.11 -16.82
N LYS B 525 -40.73 -13.97 -15.92
CA LYS B 525 -39.64 -14.87 -16.28
C LYS B 525 -40.06 -15.84 -17.37
N ALA B 526 -41.31 -16.29 -17.35
CA ALA B 526 -41.77 -17.27 -18.33
C ALA B 526 -41.73 -16.72 -19.75
N ARG B 527 -42.14 -15.46 -19.93
CA ARG B 527 -42.27 -14.86 -21.24
C ARG B 527 -41.09 -13.93 -21.51
N THR B 528 -40.28 -14.28 -22.52
CA THR B 528 -39.18 -13.42 -22.91
C THR B 528 -39.69 -12.15 -23.61
N LYS B 529 -40.77 -12.28 -24.37
CA LYS B 529 -41.31 -11.12 -25.10
C LYS B 529 -41.76 -10.03 -24.13
N ASP B 530 -42.36 -10.42 -23.01
CA ASP B 530 -42.77 -9.43 -22.01
C ASP B 530 -41.57 -8.70 -21.42
N ILE B 531 -40.52 -9.44 -21.11
CA ILE B 531 -39.31 -8.81 -20.57
C ILE B 531 -38.72 -7.83 -21.57
N LEU B 532 -38.64 -8.23 -22.84
CA LEU B 532 -38.08 -7.36 -23.86
C LEU B 532 -38.93 -6.10 -24.04
N ILE B 533 -40.26 -6.26 -24.06
CA ILE B 533 -41.15 -5.12 -24.22
C ILE B 533 -41.00 -4.15 -23.05
N ARG B 534 -40.95 -4.68 -21.83
CA ARG B 534 -40.80 -3.81 -20.66
C ARG B 534 -39.46 -3.08 -20.66
N PHE B 535 -38.38 -3.78 -21.02
CA PHE B 535 -37.08 -3.13 -21.08
C PHE B 535 -37.06 -2.03 -22.13
N THR B 536 -37.64 -2.30 -23.31
CA THR B 536 -37.69 -1.29 -24.36
C THR B 536 -38.51 -0.07 -23.92
N ALA B 537 -39.65 -0.31 -23.28
CA ALA B 537 -40.50 0.80 -22.85
C ALA B 537 -39.80 1.65 -21.80
N TRP B 538 -39.15 1.01 -20.82
CA TRP B 538 -38.45 1.77 -19.79
C TRP B 538 -37.28 2.56 -20.38
N CYS B 539 -36.53 1.95 -21.30
CA CYS B 539 -35.44 2.65 -21.94
C CYS B 539 -35.95 3.86 -22.71
N CYS B 540 -37.06 3.70 -23.44
CA CYS B 540 -37.60 4.82 -24.22
C CYS B 540 -38.09 5.94 -23.31
N ILE B 541 -38.80 5.61 -22.23
CA ILE B 541 -39.31 6.65 -21.34
C ILE B 541 -38.17 7.40 -20.68
N LEU B 542 -37.17 6.68 -20.18
CA LEU B 542 -36.05 7.35 -19.52
C LEU B 542 -35.23 8.18 -20.51
N GLY B 543 -35.08 7.70 -21.75
CA GLY B 543 -34.41 8.50 -22.76
C GLY B 543 -35.16 9.77 -23.10
N LEU B 544 -36.50 9.68 -23.18
CA LEU B 544 -37.29 10.88 -23.44
C LEU B 544 -37.18 11.88 -22.30
N ILE B 545 -37.18 11.39 -21.05
CA ILE B 545 -37.02 12.29 -19.91
C ILE B 545 -35.65 12.96 -19.96
N SER B 546 -34.60 12.18 -20.29
CA SER B 546 -33.26 12.76 -20.39
C SER B 546 -33.19 13.82 -21.49
N VAL B 547 -33.83 13.54 -22.64
CA VAL B 547 -33.83 14.51 -23.73
C VAL B 547 -34.53 15.79 -23.32
N ALA B 548 -35.67 15.66 -22.63
CA ALA B 548 -36.39 16.86 -22.18
C ALA B 548 -35.57 17.65 -21.17
N LEU B 549 -34.88 16.95 -20.26
CA LEU B 549 -34.15 17.66 -19.21
C LEU B 549 -32.88 18.32 -19.74
N THR B 550 -32.13 17.63 -20.60
CA THR B 550 -30.86 18.15 -21.08
C THR B 550 -30.99 19.03 -22.32
N LYS B 551 -32.11 18.93 -23.04
CA LYS B 551 -32.30 19.66 -24.29
C LYS B 551 -31.17 19.34 -25.27
N VAL B 552 -30.83 18.05 -25.35
CA VAL B 552 -29.72 17.49 -26.12
C VAL B 552 -28.51 18.43 -26.18
N SER B 553 -28.13 18.97 -25.04
CA SER B 553 -27.01 19.91 -24.95
C SER B 553 -26.17 19.55 -23.73
N GLU B 554 -24.91 19.98 -23.76
CA GLU B 554 -24.00 19.67 -22.66
C GLU B 554 -24.18 20.64 -21.49
N ASN B 555 -24.20 21.94 -21.78
CA ASN B 555 -24.26 22.96 -20.74
C ASN B 555 -25.60 23.67 -20.67
N GLU B 556 -26.46 23.52 -21.66
CA GLU B 556 -27.78 24.13 -21.64
C GLU B 556 -28.79 23.14 -21.08
N GLY B 557 -30.04 23.56 -20.98
CA GLY B 557 -31.08 22.71 -20.46
C GLY B 557 -31.36 22.98 -18.98
N PHE B 558 -32.53 22.51 -18.54
CA PHE B 558 -32.95 22.75 -17.16
C PHE B 558 -32.03 22.06 -16.17
N ILE B 559 -31.71 20.79 -16.42
CA ILE B 559 -30.80 20.03 -15.57
C ILE B 559 -29.74 19.36 -16.45
N PRO B 560 -28.60 19.99 -16.67
CA PRO B 560 -27.55 19.34 -17.45
C PRO B 560 -27.00 18.10 -16.75
N VAL B 561 -26.49 17.17 -17.56
CA VAL B 561 -25.90 15.95 -17.02
C VAL B 561 -24.64 16.30 -16.24
N ASN B 562 -24.55 15.82 -15.00
CA ASN B 562 -23.45 16.17 -14.13
C ASN B 562 -23.24 15.02 -13.15
N LYS B 563 -22.06 14.40 -13.20
CA LYS B 563 -21.73 13.34 -12.26
C LYS B 563 -21.44 13.86 -10.87
N ASN B 564 -20.82 15.05 -10.77
CA ASN B 564 -20.49 15.61 -9.46
C ASN B 564 -21.73 15.89 -8.64
N LEU B 565 -22.75 16.48 -9.27
CA LEU B 565 -24.00 16.77 -8.58
C LEU B 565 -24.92 15.56 -8.53
N TRP B 566 -24.62 14.50 -9.28
CA TRP B 566 -25.52 13.36 -9.44
C TRP B 566 -26.91 13.82 -9.83
N SER B 567 -26.98 14.60 -10.90
CA SER B 567 -28.21 15.27 -11.29
C SER B 567 -29.26 14.25 -11.73
N LEU B 568 -30.50 14.73 -11.85
CA LEU B 568 -31.60 13.87 -12.29
C LEU B 568 -31.39 13.38 -13.72
N SER B 569 -30.93 14.27 -14.61
CA SER B 569 -30.71 13.89 -16.00
C SER B 569 -29.57 12.87 -16.12
N TYR B 570 -28.54 12.99 -15.27
CA TYR B 570 -27.49 11.99 -15.22
C TYR B 570 -28.08 10.61 -14.92
N VAL B 571 -28.93 10.53 -13.90
CA VAL B 571 -29.52 9.27 -13.49
C VAL B 571 -30.43 8.71 -14.59
N THR B 572 -31.27 9.57 -15.18
CA THR B 572 -32.16 9.08 -16.22
C THR B 572 -31.41 8.60 -17.46
N THR B 573 -30.36 9.33 -17.86
CA THR B 573 -29.55 8.92 -19.00
C THR B 573 -28.87 7.59 -18.74
N LEU B 574 -28.24 7.44 -17.58
CA LEU B 574 -27.52 6.20 -17.30
C LEU B 574 -28.47 5.03 -17.10
N SER B 575 -29.68 5.29 -16.59
CA SER B 575 -30.67 4.23 -16.45
C SER B 575 -31.21 3.80 -17.81
N SER B 576 -31.40 4.75 -18.72
CA SER B 576 -31.78 4.39 -20.08
C SER B 576 -30.70 3.54 -20.73
N PHE B 577 -29.43 3.91 -20.55
CA PHE B 577 -28.33 3.11 -21.09
C PHE B 577 -28.32 1.71 -20.48
N ALA B 578 -28.54 1.61 -19.16
CA ALA B 578 -28.54 0.32 -18.49
C ALA B 578 -29.69 -0.57 -18.98
N PHE B 579 -30.87 0.03 -19.16
CA PHE B 579 -32.00 -0.74 -19.67
C PHE B 579 -31.75 -1.23 -21.09
N PHE B 580 -31.12 -0.40 -21.93
CA PHE B 580 -30.77 -0.86 -23.27
C PHE B 580 -29.75 -1.98 -23.22
N ILE B 581 -28.76 -1.87 -22.33
CA ILE B 581 -27.74 -2.91 -22.21
C ILE B 581 -28.38 -4.22 -21.77
N LEU B 582 -29.30 -4.16 -20.80
CA LEU B 582 -30.01 -5.37 -20.38
C LEU B 582 -30.85 -5.94 -21.51
N LEU B 583 -31.50 -5.07 -22.30
CA LEU B 583 -32.30 -5.51 -23.43
C LEU B 583 -31.45 -6.27 -24.44
N VAL B 584 -30.23 -5.80 -24.67
CA VAL B 584 -29.34 -6.51 -25.60
C VAL B 584 -28.83 -7.80 -24.97
N LEU B 585 -28.45 -7.76 -23.70
CA LEU B 585 -27.72 -8.87 -23.09
C LEU B 585 -28.62 -10.05 -22.73
N TYR B 586 -29.84 -9.79 -22.29
CA TYR B 586 -30.67 -10.87 -21.76
C TYR B 586 -30.99 -11.95 -22.80
N PRO B 587 -31.51 -11.63 -24.00
CA PRO B 587 -31.78 -12.73 -24.94
C PRO B 587 -30.53 -13.35 -25.52
N VAL B 588 -29.44 -12.60 -25.67
CA VAL B 588 -28.22 -13.15 -26.22
C VAL B 588 -27.57 -14.12 -25.24
N VAL B 589 -27.50 -13.74 -23.97
CA VAL B 589 -26.72 -14.47 -22.98
C VAL B 589 -27.57 -15.46 -22.21
N ASP B 590 -28.78 -15.07 -21.79
CA ASP B 590 -29.59 -15.90 -20.91
C ASP B 590 -30.59 -16.76 -21.65
N VAL B 591 -31.28 -16.22 -22.66
CA VAL B 591 -32.35 -16.97 -23.31
C VAL B 591 -31.79 -17.89 -24.38
N LYS B 592 -31.17 -17.32 -25.42
CA LYS B 592 -30.66 -18.13 -26.51
C LYS B 592 -29.38 -18.86 -26.13
N GLY B 593 -28.49 -18.20 -25.38
CA GLY B 593 -27.22 -18.79 -25.05
C GLY B 593 -26.17 -18.69 -26.14
N LEU B 594 -26.33 -17.74 -27.06
CA LEU B 594 -25.33 -17.58 -28.12
C LEU B 594 -23.98 -17.15 -27.57
N TRP B 595 -23.97 -16.43 -26.45
CA TRP B 595 -22.77 -15.93 -25.82
C TRP B 595 -22.83 -16.24 -24.33
N THR B 596 -21.70 -16.65 -23.76
CA THR B 596 -21.63 -16.97 -22.34
C THR B 596 -21.21 -15.80 -21.47
N GLY B 597 -20.92 -14.65 -22.08
CA GLY B 597 -20.42 -13.52 -21.33
C GLY B 597 -18.92 -13.49 -21.13
N THR B 598 -18.18 -14.41 -21.73
CA THR B 598 -16.74 -14.45 -21.56
C THR B 598 -16.10 -13.21 -22.17
N PRO B 599 -15.10 -12.61 -21.51
CA PRO B 599 -14.56 -12.97 -20.19
C PRO B 599 -15.07 -12.04 -19.09
N PHE B 600 -16.29 -11.56 -19.18
CA PHE B 600 -16.78 -10.53 -18.26
C PHE B 600 -17.38 -11.10 -16.98
N PHE B 601 -18.02 -12.26 -17.03
CA PHE B 601 -18.67 -12.76 -15.83
C PHE B 601 -17.69 -13.27 -14.79
N TYR B 602 -16.44 -13.56 -15.18
CA TYR B 602 -15.43 -13.87 -14.17
C TYR B 602 -15.18 -12.70 -13.23
N PRO B 603 -14.87 -11.48 -13.71
CA PRO B 603 -14.88 -10.34 -12.79
C PRO B 603 -16.25 -10.05 -12.21
N GLY B 604 -17.32 -10.29 -12.97
CA GLY B 604 -18.66 -9.98 -12.49
C GLY B 604 -19.08 -10.74 -11.25
N MET B 605 -18.47 -11.90 -11.00
CA MET B 605 -18.81 -12.72 -9.85
C MET B 605 -17.91 -12.47 -8.64
N ASN B 606 -16.90 -11.63 -8.78
CA ASN B 606 -15.99 -11.24 -7.70
C ASN B 606 -15.78 -9.73 -7.70
N SER B 607 -16.88 -8.98 -7.76
CA SER B 607 -16.77 -7.54 -7.95
C SER B 607 -16.08 -6.86 -6.77
N ILE B 608 -16.44 -7.23 -5.54
CA ILE B 608 -15.84 -6.58 -4.38
C ILE B 608 -14.37 -6.92 -4.27
N LEU B 609 -14.00 -8.16 -4.58
CA LEU B 609 -12.59 -8.55 -4.57
C LEU B 609 -11.79 -7.74 -5.57
N VAL B 610 -12.29 -7.61 -6.80
CA VAL B 610 -11.59 -6.85 -7.83
C VAL B 610 -11.46 -5.40 -7.43
N TYR B 611 -12.54 -4.80 -6.92
CA TYR B 611 -12.52 -3.40 -6.55
C TYR B 611 -11.52 -3.13 -5.43
N VAL B 612 -11.64 -3.88 -4.32
CA VAL B 612 -10.75 -3.65 -3.19
C VAL B 612 -9.32 -3.99 -3.55
N GLY B 613 -9.10 -5.02 -4.36
CA GLY B 613 -7.75 -5.38 -4.75
C GLY B 613 -7.09 -4.32 -5.61
N HIS B 614 -7.82 -3.79 -6.59
CA HIS B 614 -7.17 -2.80 -7.45
C HIS B 614 -6.99 -1.49 -6.71
N GLU B 615 -7.77 -1.24 -5.66
CA GLU B 615 -7.48 -0.10 -4.79
C GLU B 615 -6.22 -0.35 -3.98
N VAL B 616 -6.09 -1.54 -3.39
CA VAL B 616 -4.96 -1.83 -2.51
C VAL B 616 -3.67 -1.98 -3.29
N PHE B 617 -3.71 -2.68 -4.44
CA PHE B 617 -2.51 -3.01 -5.20
C PHE B 617 -2.35 -2.14 -6.44
N GLU B 618 -2.73 -0.87 -6.33
CA GLU B 618 -2.66 0.03 -7.48
C GLU B 618 -1.22 0.30 -7.91
N ASN B 619 -0.30 0.44 -6.96
CA ASN B 619 1.07 0.80 -7.25
C ASN B 619 1.99 -0.40 -7.45
N TYR B 620 1.47 -1.61 -7.26
CA TYR B 620 2.30 -2.81 -7.26
C TYR B 620 2.60 -3.28 -8.67
N PHE B 621 3.72 -3.98 -8.81
CA PHE B 621 4.00 -4.73 -10.02
C PHE B 621 3.11 -5.97 -10.07
N PRO B 622 2.63 -6.38 -11.25
CA PRO B 622 2.85 -5.82 -12.59
C PRO B 622 1.81 -4.80 -13.03
N PHE B 623 0.96 -4.32 -12.12
CA PHE B 623 -0.03 -3.32 -12.50
C PHE B 623 0.62 -1.98 -12.81
N GLN B 624 1.82 -1.72 -12.29
CA GLN B 624 2.50 -0.46 -12.53
C GLN B 624 4.00 -0.71 -12.54
N TRP B 625 4.69 0.04 -13.40
CA TRP B 625 6.14 0.01 -13.46
C TRP B 625 6.62 1.34 -13.99
N LYS B 626 7.93 1.58 -13.87
CA LYS B 626 8.50 2.84 -14.33
C LYS B 626 8.49 2.88 -15.86
N LEU B 627 7.99 3.98 -16.40
CA LEU B 627 7.88 4.15 -17.85
C LEU B 627 9.12 4.85 -18.39
N LYS B 628 9.52 4.46 -19.60
CA LYS B 628 10.63 5.14 -20.25
C LYS B 628 10.30 6.61 -20.53
N ASP B 629 9.07 6.87 -20.96
CA ASP B 629 8.60 8.22 -21.27
C ASP B 629 7.27 8.45 -20.57
N ASN B 630 7.28 9.27 -19.52
CA ASN B 630 6.06 9.56 -18.77
C ASN B 630 5.09 10.45 -19.53
N GLN B 631 5.54 11.10 -20.60
CA GLN B 631 4.69 11.97 -21.41
C GLN B 631 4.27 11.31 -22.72
N SER B 632 4.03 10.01 -22.69
CA SER B 632 3.64 9.25 -23.86
C SER B 632 2.28 8.62 -23.62
N HIS B 633 1.36 8.81 -24.57
CA HIS B 633 0.06 8.15 -24.49
C HIS B 633 0.20 6.66 -24.72
N LYS B 634 1.11 6.25 -25.60
CA LYS B 634 1.24 4.84 -25.96
C LYS B 634 1.67 4.00 -24.76
N GLU B 635 2.65 4.46 -24.00
CA GLU B 635 3.16 3.67 -22.88
C GLU B 635 2.14 3.61 -21.75
N HIS B 636 1.48 4.74 -21.46
CA HIS B 636 0.42 4.73 -20.45
C HIS B 636 -0.71 3.79 -20.85
N LEU B 637 -1.13 3.83 -22.11
CA LEU B 637 -2.20 2.96 -22.58
C LEU B 637 -1.80 1.50 -22.49
N THR B 638 -0.58 1.17 -22.89
CA THR B 638 -0.12 -0.22 -22.80
C THR B 638 -0.10 -0.69 -21.35
N GLN B 639 0.40 0.15 -20.44
CA GLN B 639 0.44 -0.21 -19.02
C GLN B 639 -0.97 -0.46 -18.48
N ASN B 640 -1.91 0.44 -18.81
CA ASN B 640 -3.27 0.32 -18.28
C ASN B 640 -3.98 -0.89 -18.86
N ILE B 641 -3.80 -1.17 -20.15
CA ILE B 641 -4.42 -2.34 -20.76
C ILE B 641 -3.87 -3.61 -20.15
N VAL B 642 -2.55 -3.67 -19.94
CA VAL B 642 -1.94 -4.86 -19.34
C VAL B 642 -2.48 -5.06 -17.92
N ALA B 643 -2.59 -3.98 -17.14
CA ALA B 643 -3.09 -4.09 -15.78
C ALA B 643 -4.54 -4.58 -15.75
N THR B 644 -5.38 -4.05 -16.65
CA THR B 644 -6.77 -4.49 -16.71
C THR B 644 -6.86 -5.96 -17.10
N ALA B 645 -6.06 -6.38 -18.08
CA ALA B 645 -6.05 -7.78 -18.48
C ALA B 645 -5.59 -8.68 -17.34
N LEU B 646 -4.62 -8.21 -16.56
CA LEU B 646 -4.15 -8.98 -15.41
C LEU B 646 -5.24 -9.12 -14.35
N TRP B 647 -6.02 -8.06 -14.12
CA TRP B 647 -7.11 -8.17 -13.15
C TRP B 647 -8.20 -9.12 -13.64
N VAL B 648 -8.49 -9.10 -14.95
CA VAL B 648 -9.43 -10.07 -15.51
C VAL B 648 -8.91 -11.49 -15.33
N LEU B 649 -7.61 -11.69 -15.55
CA LEU B 649 -7.01 -13.02 -15.36
C LEU B 649 -7.07 -13.47 -13.91
N ILE B 650 -6.84 -12.54 -12.98
CA ILE B 650 -6.95 -12.87 -11.55
C ILE B 650 -8.37 -13.29 -11.21
N ALA B 651 -9.36 -12.57 -11.72
CA ALA B 651 -10.75 -12.94 -11.46
C ALA B 651 -11.08 -14.29 -12.08
N TYR B 652 -10.54 -14.59 -13.26
CA TYR B 652 -10.75 -15.90 -13.87
C TYR B 652 -10.15 -17.01 -13.01
N ILE B 653 -8.93 -16.78 -12.49
CA ILE B 653 -8.29 -17.79 -11.64
C ILE B 653 -9.11 -18.01 -10.38
N LEU B 654 -9.63 -16.92 -9.80
CA LEU B 654 -10.50 -17.07 -8.63
C LEU B 654 -11.76 -17.86 -8.97
N TYR B 655 -12.32 -17.63 -10.16
CA TYR B 655 -13.50 -18.38 -10.58
C TYR B 655 -13.19 -19.87 -10.72
N ARG B 656 -12.05 -20.21 -11.31
CA ARG B 656 -11.69 -21.62 -11.48
C ARG B 656 -11.48 -22.32 -10.14
N LYS B 657 -10.97 -21.61 -9.15
CA LYS B 657 -10.77 -22.19 -7.82
C LYS B 657 -11.99 -22.05 -6.92
N LYS B 658 -13.10 -21.50 -7.44
CA LYS B 658 -14.35 -21.38 -6.71
C LYS B 658 -14.20 -20.57 -5.43
N ILE B 659 -13.44 -19.47 -5.52
CA ILE B 659 -13.24 -18.55 -4.41
C ILE B 659 -14.07 -17.32 -4.71
N PHE B 660 -15.22 -17.20 -4.04
CA PHE B 660 -16.12 -16.07 -4.21
C PHE B 660 -16.34 -15.40 -2.87
N TRP B 661 -16.19 -14.08 -2.83
CA TRP B 661 -16.38 -13.29 -1.63
C TRP B 661 -17.57 -12.36 -1.80
N LYS B 662 -18.51 -12.42 -0.86
CA LYS B 662 -19.66 -11.54 -0.82
C LYS B 662 -19.75 -10.88 0.54
N ILE B 663 -20.05 -9.59 0.55
CA ILE B 663 -20.14 -8.84 1.80
C ILE B 663 -21.34 -9.30 2.62
#